data_2H1Z
#
_entry.id   2H1Z
#
_entity_poly.entity_id   1
_entity_poly.type   'polypeptide(L)'
_entity_poly.pdbx_seq_one_letter_code
;GSCVPVDQPCSLNTQPCCDDATCTQERNENGHTVYYCRA
;
_entity_poly.pdbx_strand_id   A
#
# COMPACT_ATOMS: atom_id res chain seq x y z
N GLY A 1 14.38 -3.34 -6.27
CA GLY A 1 14.78 -1.91 -6.38
C GLY A 1 13.79 -0.99 -5.68
N SER A 2 13.01 -0.25 -6.48
CA SER A 2 12.03 0.67 -5.94
C SER A 2 10.79 -0.08 -5.45
N CYS A 3 10.30 0.29 -4.28
CA CYS A 3 9.12 -0.34 -3.69
C CYS A 3 8.38 0.63 -2.78
N VAL A 4 7.17 0.26 -2.40
CA VAL A 4 6.36 1.09 -1.51
C VAL A 4 6.64 0.75 -0.05
N PRO A 5 6.87 1.76 0.81
CA PRO A 5 7.15 1.51 2.23
C PRO A 5 5.92 0.95 2.95
N VAL A 6 6.14 -0.04 3.80
CA VAL A 6 5.05 -0.64 4.56
C VAL A 6 4.35 0.42 5.39
N ASP A 7 3.06 0.21 5.60
CA ASP A 7 2.23 1.15 6.34
C ASP A 7 1.95 2.41 5.50
N GLN A 8 2.37 2.40 4.23
CA GLN A 8 2.13 3.53 3.35
C GLN A 8 1.22 3.13 2.19
N PRO A 9 0.49 4.10 1.60
CA PRO A 9 -0.43 3.82 0.50
C PRO A 9 0.28 3.35 -0.76
N CYS A 10 -0.35 2.40 -1.44
CA CYS A 10 0.17 1.84 -2.67
C CYS A 10 -0.90 1.85 -3.76
N SER A 11 -0.55 1.33 -4.92
CA SER A 11 -1.48 1.28 -6.05
C SER A 11 -1.33 -0.04 -6.81
N LEU A 12 -2.46 -0.63 -7.17
CA LEU A 12 -2.48 -1.89 -7.90
C LEU A 12 -1.68 -1.80 -9.21
N ASN A 13 -1.49 -0.58 -9.72
CA ASN A 13 -0.75 -0.38 -10.95
C ASN A 13 0.66 0.18 -10.69
N THR A 14 1.03 0.34 -9.42
CA THR A 14 2.34 0.87 -9.09
C THR A 14 3.26 -0.26 -8.63
N GLN A 15 4.49 0.12 -8.25
CA GLN A 15 5.46 -0.86 -7.79
C GLN A 15 4.99 -1.57 -6.52
N PRO A 16 5.49 -2.79 -6.25
CA PRO A 16 5.11 -3.56 -5.06
C PRO A 16 5.53 -2.87 -3.77
N CYS A 17 5.28 -3.52 -2.64
CA CYS A 17 5.64 -2.96 -1.35
C CYS A 17 7.05 -3.37 -0.94
N CYS A 18 7.50 -2.86 0.20
CA CYS A 18 8.82 -3.14 0.72
C CYS A 18 8.74 -4.14 1.87
N ASP A 19 9.89 -4.68 2.25
CA ASP A 19 9.95 -5.65 3.36
C ASP A 19 8.99 -6.82 3.11
N ASP A 20 8.79 -7.15 1.83
CA ASP A 20 7.91 -8.25 1.45
C ASP A 20 6.48 -7.95 1.86
N ALA A 21 6.08 -6.68 1.74
CA ALA A 21 4.73 -6.27 2.09
C ALA A 21 3.75 -6.57 0.96
N THR A 22 2.47 -6.31 1.20
CA THR A 22 1.44 -6.56 0.20
C THR A 22 0.45 -5.39 0.16
N CYS A 23 0.03 -5.03 -1.04
CA CYS A 23 -0.93 -3.94 -1.22
C CYS A 23 -2.34 -4.44 -0.91
N THR A 24 -2.92 -3.94 0.18
CA THR A 24 -4.26 -4.35 0.59
C THR A 24 -5.22 -3.17 0.68
N GLN A 25 -6.50 -3.48 0.57
CA GLN A 25 -7.56 -2.49 0.65
C GLN A 25 -7.73 -2.04 2.11
N GLU A 26 -7.91 -0.74 2.30
CA GLU A 26 -8.09 -0.17 3.63
C GLU A 26 -8.89 1.13 3.56
N ARG A 27 -9.07 1.76 4.71
CA ARG A 27 -9.82 3.01 4.79
C ARG A 27 -8.89 4.17 5.14
N ASN A 28 -9.19 5.35 4.60
CA ASN A 28 -8.39 6.54 4.85
C ASN A 28 -9.10 7.48 5.82
N GLU A 29 -8.50 8.63 6.06
CA GLU A 29 -9.07 9.63 6.96
C GLU A 29 -10.42 10.12 6.44
N ASN A 30 -10.56 10.14 5.11
CA ASN A 30 -11.80 10.59 4.48
C ASN A 30 -12.89 9.54 4.60
N GLY A 31 -12.49 8.27 4.66
CA GLY A 31 -13.44 7.18 4.78
C GLY A 31 -13.63 6.40 3.48
N HIS A 32 -12.92 6.79 2.43
CA HIS A 32 -13.03 6.10 1.15
C HIS A 32 -12.06 4.93 1.07
N THR A 33 -12.36 3.97 0.21
CA THR A 33 -11.50 2.80 0.05
C THR A 33 -10.16 3.18 -0.56
N VAL A 34 -9.10 2.61 -0.03
CA VAL A 34 -7.75 2.88 -0.53
C VAL A 34 -6.88 1.63 -0.46
N TYR A 35 -5.68 1.71 -1.00
CA TYR A 35 -4.75 0.59 -1.00
C TYR A 35 -3.50 0.93 -0.22
N TYR A 36 -3.17 0.11 0.79
CA TYR A 36 -2.00 0.35 1.62
C TYR A 36 -1.07 -0.86 1.63
N CYS A 37 0.15 -0.65 2.11
CA CYS A 37 1.14 -1.72 2.18
C CYS A 37 1.23 -2.28 3.60
N ARG A 38 1.25 -3.61 3.69
CA ARG A 38 1.32 -4.28 4.98
C ARG A 38 2.41 -5.35 4.97
N ALA A 39 3.31 -5.28 5.94
CA ALA A 39 4.40 -6.23 6.05
C ALA A 39 3.89 -7.61 6.47
N GLY A 1 13.87 -3.35 -7.43
CA GLY A 1 14.63 -2.22 -6.81
C GLY A 1 13.72 -1.26 -6.06
N SER A 2 12.84 -0.58 -6.79
CA SER A 2 11.91 0.37 -6.18
C SER A 2 10.69 -0.34 -5.63
N CYS A 3 10.24 0.07 -4.45
CA CYS A 3 9.08 -0.53 -3.82
C CYS A 3 8.38 0.47 -2.90
N VAL A 4 7.18 0.13 -2.46
CA VAL A 4 6.40 0.99 -1.59
C VAL A 4 6.70 0.67 -0.12
N PRO A 5 6.98 1.68 0.72
CA PRO A 5 7.27 1.44 2.15
C PRO A 5 6.05 0.91 2.89
N VAL A 6 6.28 -0.09 3.74
CA VAL A 6 5.20 -0.68 4.51
C VAL A 6 4.53 0.38 5.36
N ASP A 7 3.24 0.19 5.61
CA ASP A 7 2.45 1.14 6.37
C ASP A 7 2.16 2.39 5.54
N GLN A 8 2.56 2.39 4.25
CA GLN A 8 2.31 3.54 3.39
C GLN A 8 1.36 3.15 2.25
N PRO A 9 0.62 4.12 1.69
CA PRO A 9 -0.32 3.85 0.61
C PRO A 9 0.34 3.37 -0.67
N CYS A 10 -0.31 2.43 -1.33
CA CYS A 10 0.17 1.87 -2.58
C CYS A 10 -0.92 1.90 -3.64
N SER A 11 -0.60 1.38 -4.82
CA SER A 11 -1.56 1.34 -5.92
C SER A 11 -1.49 0.00 -6.64
N LEU A 12 -2.55 -0.33 -7.37
CA LEU A 12 -2.62 -1.59 -8.11
C LEU A 12 -1.81 -1.50 -9.42
N ASN A 13 -1.47 -0.29 -9.85
CA ASN A 13 -0.71 -0.10 -11.08
C ASN A 13 0.71 0.40 -10.79
N THR A 14 1.12 0.39 -9.53
CA THR A 14 2.45 0.85 -9.15
C THR A 14 3.33 -0.32 -8.71
N GLN A 15 4.56 -0.01 -8.29
CA GLN A 15 5.49 -1.02 -7.83
C GLN A 15 5.00 -1.69 -6.55
N PRO A 16 5.44 -2.94 -6.28
CA PRO A 16 5.03 -3.67 -5.08
C PRO A 16 5.50 -2.98 -3.79
N CYS A 17 5.23 -3.60 -2.66
CA CYS A 17 5.63 -3.03 -1.38
C CYS A 17 7.05 -3.47 -1.00
N CYS A 18 7.51 -2.94 0.13
CA CYS A 18 8.85 -3.25 0.63
C CYS A 18 8.78 -4.23 1.80
N ASP A 19 9.94 -4.79 2.16
CA ASP A 19 10.01 -5.75 3.26
C ASP A 19 9.03 -6.91 3.05
N ASP A 20 8.81 -7.25 1.79
CA ASP A 20 7.90 -8.33 1.44
C ASP A 20 6.46 -8.02 1.87
N ALA A 21 6.10 -6.75 1.75
CA ALA A 21 4.75 -6.31 2.11
C ALA A 21 3.76 -6.61 1.00
N THR A 22 2.49 -6.30 1.26
CA THR A 22 1.44 -6.54 0.28
C THR A 22 0.45 -5.38 0.26
N CYS A 23 0.02 -5.01 -0.94
CA CYS A 23 -0.93 -3.92 -1.09
C CYS A 23 -2.34 -4.40 -0.78
N THR A 24 -2.90 -3.90 0.32
CA THR A 24 -4.23 -4.30 0.76
C THR A 24 -5.20 -3.13 0.79
N GLN A 25 -6.48 -3.45 0.69
CA GLN A 25 -7.54 -2.46 0.73
C GLN A 25 -7.77 -2.00 2.17
N GLU A 26 -7.83 -0.69 2.36
CA GLU A 26 -8.05 -0.11 3.69
C GLU A 26 -8.88 1.15 3.60
N ARG A 27 -9.12 1.78 4.74
CA ARG A 27 -9.91 3.00 4.81
C ARG A 27 -9.03 4.19 5.18
N ASN A 28 -9.38 5.38 4.66
CA ASN A 28 -8.62 6.58 4.94
C ASN A 28 -9.41 7.52 5.87
N GLU A 29 -8.84 8.70 6.11
CA GLU A 29 -9.49 9.68 6.97
C GLU A 29 -10.81 10.14 6.37
N ASN A 30 -10.88 10.16 5.04
CA ASN A 30 -12.10 10.58 4.35
C ASN A 30 -13.17 9.51 4.42
N GLY A 31 -12.75 8.25 4.50
CA GLY A 31 -13.70 7.15 4.58
C GLY A 31 -13.82 6.38 3.27
N HIS A 32 -13.04 6.75 2.26
CA HIS A 32 -13.09 6.08 0.97
C HIS A 32 -12.10 4.91 0.95
N THR A 33 -12.35 3.94 0.06
CA THR A 33 -11.49 2.78 -0.05
C THR A 33 -10.12 3.16 -0.60
N VAL A 34 -9.07 2.68 0.06
CA VAL A 34 -7.71 2.97 -0.36
C VAL A 34 -6.86 1.70 -0.33
N TYR A 35 -5.62 1.81 -0.80
CA TYR A 35 -4.70 0.68 -0.82
C TYR A 35 -3.43 1.02 -0.04
N TYR A 36 -3.11 0.18 0.93
CA TYR A 36 -1.91 0.40 1.75
C TYR A 36 -1.00 -0.83 1.74
N CYS A 37 0.24 -0.63 2.20
CA CYS A 37 1.22 -1.71 2.24
C CYS A 37 1.34 -2.27 3.65
N ARG A 38 1.35 -3.61 3.75
CA ARG A 38 1.45 -4.27 5.04
C ARG A 38 2.54 -5.35 5.01
N ALA A 39 3.44 -5.28 5.97
CA ALA A 39 4.53 -6.24 6.06
C ALA A 39 4.02 -7.63 6.45
N GLY A 1 15.88 -1.16 -3.89
CA GLY A 1 15.31 -0.92 -5.25
C GLY A 1 14.14 0.05 -5.22
N SER A 2 13.08 -0.28 -5.94
CA SER A 2 11.90 0.58 -6.00
C SER A 2 10.67 -0.16 -5.47
N CYS A 3 10.21 0.24 -4.30
CA CYS A 3 9.04 -0.37 -3.69
C CYS A 3 8.30 0.61 -2.79
N VAL A 4 7.10 0.24 -2.38
CA VAL A 4 6.29 1.09 -1.51
C VAL A 4 6.57 0.77 -0.04
N PRO A 5 6.80 1.78 0.82
CA PRO A 5 7.06 1.55 2.23
C PRO A 5 5.84 1.01 2.95
N VAL A 6 6.05 0.02 3.81
CA VAL A 6 4.95 -0.57 4.56
C VAL A 6 4.25 0.49 5.38
N ASP A 7 2.95 0.29 5.58
CA ASP A 7 2.13 1.24 6.31
C ASP A 7 1.85 2.48 5.46
N GLN A 8 2.28 2.46 4.18
CA GLN A 8 2.04 3.59 3.29
C GLN A 8 1.14 3.18 2.13
N PRO A 9 0.41 4.13 1.53
CA PRO A 9 -0.49 3.83 0.43
C PRO A 9 0.22 3.35 -0.82
N CYS A 10 -0.39 2.39 -1.49
CA CYS A 10 0.15 1.83 -2.72
C CYS A 10 -0.90 1.84 -3.83
N SER A 11 -0.52 1.32 -4.99
CA SER A 11 -1.43 1.26 -6.13
C SER A 11 -1.26 -0.05 -6.88
N LEU A 12 -2.39 -0.64 -7.28
CA LEU A 12 -2.37 -1.91 -8.02
C LEU A 12 -1.55 -1.80 -9.31
N ASN A 13 -1.35 -0.57 -9.80
CA ASN A 13 -0.59 -0.35 -11.01
C ASN A 13 0.83 0.16 -10.71
N THR A 14 1.12 0.42 -9.44
CA THR A 14 2.43 0.91 -9.05
C THR A 14 3.34 -0.24 -8.62
N GLN A 15 4.54 0.09 -8.20
CA GLN A 15 5.51 -0.90 -7.75
C GLN A 15 5.02 -1.61 -6.48
N PRO A 16 5.50 -2.84 -6.23
CA PRO A 16 5.09 -3.59 -5.03
C PRO A 16 5.52 -2.90 -3.74
N CYS A 17 5.23 -3.52 -2.61
CA CYS A 17 5.58 -2.95 -1.31
C CYS A 17 7.00 -3.36 -0.91
N CYS A 18 7.44 -2.83 0.22
CA CYS A 18 8.77 -3.11 0.74
C CYS A 18 8.70 -4.09 1.90
N ASP A 19 9.85 -4.63 2.29
CA ASP A 19 9.92 -5.60 3.39
C ASP A 19 8.97 -6.77 3.15
N ASP A 20 8.75 -7.10 1.88
CA ASP A 20 7.87 -8.20 1.51
C ASP A 20 6.43 -7.90 1.92
N ALA A 21 6.04 -6.64 1.80
CA ALA A 21 4.67 -6.24 2.15
C ALA A 21 3.71 -6.55 1.02
N THR A 22 2.43 -6.29 1.25
CA THR A 22 1.40 -6.55 0.26
C THR A 22 0.41 -5.38 0.19
N CYS A 23 -0.01 -5.04 -1.01
CA CYS A 23 -0.96 -3.95 -1.21
C CYS A 23 -2.38 -4.44 -0.92
N THR A 24 -2.98 -3.94 0.16
CA THR A 24 -4.31 -4.35 0.56
C THR A 24 -5.28 -3.18 0.63
N GLN A 25 -6.56 -3.49 0.50
CA GLN A 25 -7.62 -2.50 0.57
C GLN A 25 -7.84 -2.05 2.02
N GLU A 26 -7.83 -0.74 2.22
CA GLU A 26 -8.03 -0.18 3.55
C GLU A 26 -8.79 1.15 3.47
N ARG A 27 -9.02 1.77 4.63
CA ARG A 27 -9.72 3.03 4.69
C ARG A 27 -8.76 4.19 4.97
N ASN A 28 -9.06 5.35 4.40
CA ASN A 28 -8.22 6.53 4.59
C ASN A 28 -8.81 7.46 5.65
N GLU A 29 -8.18 8.62 5.83
CA GLU A 29 -8.63 9.59 6.81
C GLU A 29 -10.07 10.04 6.52
N ASN A 30 -10.44 10.02 5.25
CA ASN A 30 -11.78 10.43 4.85
C ASN A 30 -12.78 9.30 5.02
N GLY A 31 -12.31 8.06 4.91
CA GLY A 31 -13.18 6.91 5.07
C GLY A 31 -13.40 6.15 3.76
N HIS A 32 -12.90 6.69 2.66
CA HIS A 32 -13.05 6.04 1.36
C HIS A 32 -12.07 4.89 1.21
N THR A 33 -12.39 3.94 0.34
CA THR A 33 -11.53 2.78 0.11
C THR A 33 -10.21 3.20 -0.55
N VAL A 34 -9.13 2.55 -0.14
CA VAL A 34 -7.81 2.83 -0.67
C VAL A 34 -6.93 1.60 -0.58
N TYR A 35 -5.72 1.69 -1.15
CA TYR A 35 -4.79 0.57 -1.12
C TYR A 35 -3.55 0.93 -0.31
N TYR A 36 -3.24 0.12 0.69
CA TYR A 36 -2.08 0.36 1.55
C TYR A 36 -1.15 -0.85 1.60
N CYS A 37 0.06 -0.62 2.09
CA CYS A 37 1.06 -1.69 2.19
C CYS A 37 1.14 -2.22 3.61
N ARG A 38 1.17 -3.55 3.73
CA ARG A 38 1.24 -4.21 5.03
C ARG A 38 2.34 -5.26 5.04
N ALA A 39 3.22 -5.18 6.03
CA ALA A 39 4.31 -6.12 6.17
C ALA A 39 3.81 -7.49 6.60
N GLY A 1 16.71 -0.70 -7.19
CA GLY A 1 15.33 -1.22 -6.94
C GLY A 1 14.41 -0.16 -6.35
N SER A 2 13.11 -0.39 -6.46
CA SER A 2 12.12 0.55 -5.93
C SER A 2 10.87 -0.20 -5.46
N CYS A 3 10.38 0.19 -4.28
CA CYS A 3 9.19 -0.42 -3.71
C CYS A 3 8.46 0.56 -2.80
N VAL A 4 7.24 0.20 -2.42
CA VAL A 4 6.43 1.04 -1.57
C VAL A 4 6.70 0.71 -0.09
N PRO A 5 6.96 1.73 0.76
CA PRO A 5 7.23 1.50 2.18
C PRO A 5 5.99 0.97 2.91
N VAL A 6 6.21 -0.02 3.78
CA VAL A 6 5.12 -0.61 4.53
C VAL A 6 4.44 0.46 5.36
N ASP A 7 3.15 0.28 5.59
CA ASP A 7 2.34 1.22 6.33
C ASP A 7 2.05 2.47 5.48
N GLN A 8 2.47 2.45 4.20
CA GLN A 8 2.22 3.58 3.32
C GLN A 8 1.28 3.17 2.18
N PRO A 9 0.56 4.13 1.59
CA PRO A 9 -0.38 3.84 0.50
C PRO A 9 0.30 3.35 -0.76
N CYS A 10 -0.35 2.39 -1.41
CA CYS A 10 0.16 1.82 -2.65
C CYS A 10 -0.95 1.80 -3.71
N SER A 11 -0.62 1.26 -4.87
CA SER A 11 -1.58 1.17 -5.97
C SER A 11 -1.45 -0.17 -6.69
N LEU A 12 -2.52 -0.56 -7.39
CA LEU A 12 -2.53 -1.83 -8.13
C LEU A 12 -1.72 -1.73 -9.42
N ASN A 13 -1.44 -0.50 -9.87
CA ASN A 13 -0.68 -0.30 -11.10
C ASN A 13 0.71 0.29 -10.81
N THR A 14 1.11 0.32 -9.54
CA THR A 14 2.41 0.86 -9.16
C THR A 14 3.34 -0.26 -8.69
N GLN A 15 4.52 0.13 -8.22
CA GLN A 15 5.50 -0.84 -7.74
C GLN A 15 5.00 -1.57 -6.50
N PRO A 16 5.51 -2.79 -6.23
CA PRO A 16 5.10 -3.58 -5.06
C PRO A 16 5.53 -2.90 -3.77
N CYS A 17 5.26 -3.56 -2.64
CA CYS A 17 5.62 -3.02 -1.33
C CYS A 17 7.04 -3.44 -0.94
N CYS A 18 7.49 -2.92 0.19
CA CYS A 18 8.83 -3.22 0.69
C CYS A 18 8.76 -4.23 1.84
N ASP A 19 9.91 -4.79 2.20
CA ASP A 19 9.98 -5.76 3.28
C ASP A 19 9.01 -6.92 3.04
N ASP A 20 8.77 -7.23 1.77
CA ASP A 20 7.87 -8.32 1.40
C ASP A 20 6.43 -8.01 1.83
N ALA A 21 6.06 -6.74 1.74
CA ALA A 21 4.71 -6.33 2.11
C ALA A 21 3.72 -6.62 1.00
N THR A 22 2.45 -6.35 1.25
CA THR A 22 1.41 -6.58 0.27
C THR A 22 0.42 -5.41 0.24
N CYS A 23 -0.01 -5.05 -0.96
CA CYS A 23 -0.96 -3.94 -1.12
C CYS A 23 -2.38 -4.43 -0.80
N THR A 24 -2.93 -3.92 0.29
CA THR A 24 -4.27 -4.32 0.72
C THR A 24 -5.23 -3.13 0.78
N GLN A 25 -6.51 -3.46 0.68
CA GLN A 25 -7.58 -2.48 0.73
C GLN A 25 -7.79 -2.00 2.17
N GLU A 26 -7.93 -0.69 2.33
CA GLU A 26 -8.13 -0.11 3.64
C GLU A 26 -8.93 1.19 3.54
N ARG A 27 -9.14 1.84 4.67
CA ARG A 27 -9.91 3.09 4.70
C ARG A 27 -9.03 4.25 5.15
N ASN A 28 -9.29 5.42 4.59
CA ASN A 28 -8.51 6.62 4.93
C ASN A 28 -9.29 7.52 5.89
N GLU A 29 -8.72 8.67 6.20
CA GLU A 29 -9.35 9.62 7.10
C GLU A 29 -10.70 10.08 6.55
N ASN A 30 -10.80 10.14 5.23
CA ASN A 30 -12.03 10.55 4.56
C ASN A 30 -13.08 9.44 4.61
N GLY A 31 -12.62 8.20 4.63
CA GLY A 31 -13.53 7.07 4.68
C GLY A 31 -13.63 6.32 3.35
N HIS A 32 -12.93 6.80 2.32
CA HIS A 32 -12.95 6.16 1.02
C HIS A 32 -12.00 4.97 0.98
N THR A 33 -12.30 3.99 0.14
CA THR A 33 -11.47 2.81 0.01
C THR A 33 -10.12 3.15 -0.61
N VAL A 34 -9.06 2.70 0.02
CA VAL A 34 -7.70 2.95 -0.47
C VAL A 34 -6.86 1.69 -0.38
N TYR A 35 -5.64 1.76 -0.91
CA TYR A 35 -4.74 0.61 -0.88
C TYR A 35 -3.47 0.95 -0.12
N TYR A 36 -3.14 0.15 0.88
CA TYR A 36 -1.95 0.38 1.69
C TYR A 36 -1.02 -0.83 1.69
N CYS A 37 0.20 -0.62 2.16
CA CYS A 37 1.20 -1.68 2.21
C CYS A 37 1.31 -2.25 3.62
N ARG A 38 1.31 -3.59 3.71
CA ARG A 38 1.41 -4.26 5.00
C ARG A 38 2.49 -5.33 4.97
N ALA A 39 3.41 -5.25 5.93
CA ALA A 39 4.50 -6.21 6.01
C ALA A 39 3.97 -7.61 6.34
N GLY A 1 13.97 -3.66 -7.19
CA GLY A 1 14.65 -2.54 -6.50
C GLY A 1 13.67 -1.59 -5.82
N SER A 2 13.05 -0.72 -6.61
CA SER A 2 12.09 0.24 -6.08
C SER A 2 10.84 -0.47 -5.56
N CYS A 3 10.36 -0.03 -4.40
CA CYS A 3 9.18 -0.62 -3.79
C CYS A 3 8.46 0.40 -2.91
N VAL A 4 7.25 0.07 -2.50
CA VAL A 4 6.46 0.94 -1.65
C VAL A 4 6.74 0.65 -0.18
N PRO A 5 7.00 1.68 0.66
CA PRO A 5 7.26 1.47 2.07
C PRO A 5 6.04 0.95 2.81
N VAL A 6 6.24 -0.03 3.68
CA VAL A 6 5.16 -0.60 4.45
C VAL A 6 4.49 0.47 5.28
N ASP A 7 3.19 0.30 5.51
CA ASP A 7 2.39 1.26 6.25
C ASP A 7 2.12 2.50 5.40
N GLN A 8 2.53 2.49 4.12
CA GLN A 8 2.30 3.62 3.24
C GLN A 8 1.37 3.22 2.11
N PRO A 9 0.63 4.19 1.53
CA PRO A 9 -0.30 3.91 0.44
C PRO A 9 0.38 3.40 -0.83
N CYS A 10 -0.28 2.45 -1.48
CA CYS A 10 0.22 1.88 -2.71
C CYS A 10 -0.85 1.92 -3.79
N SER A 11 -0.52 1.38 -4.96
CA SER A 11 -1.45 1.35 -6.08
C SER A 11 -1.33 0.05 -6.86
N LEU A 12 -2.47 -0.50 -7.26
CA LEU A 12 -2.49 -1.75 -8.02
C LEU A 12 -1.69 -1.64 -9.31
N ASN A 13 -1.45 -0.42 -9.78
CA ASN A 13 -0.69 -0.21 -11.00
C ASN A 13 0.73 0.28 -10.73
N THR A 14 1.15 0.26 -9.47
CA THR A 14 2.48 0.72 -9.09
C THR A 14 3.36 -0.44 -8.66
N GLN A 15 4.59 -0.14 -8.25
CA GLN A 15 5.53 -1.15 -7.81
C GLN A 15 5.06 -1.83 -6.53
N PRO A 16 5.53 -3.07 -6.25
CA PRO A 16 5.13 -3.80 -5.04
C PRO A 16 5.58 -3.08 -3.78
N CYS A 17 5.29 -3.67 -2.63
CA CYS A 17 5.65 -3.08 -1.35
C CYS A 17 7.05 -3.51 -0.93
N CYS A 18 7.52 -2.97 0.19
CA CYS A 18 8.84 -3.27 0.71
C CYS A 18 8.74 -4.22 1.90
N ASP A 19 9.89 -4.77 2.30
CA ASP A 19 9.93 -5.71 3.42
C ASP A 19 8.96 -6.87 3.22
N ASP A 20 8.74 -7.23 1.96
CA ASP A 20 7.83 -8.32 1.62
C ASP A 20 6.39 -7.98 2.01
N ALA A 21 6.03 -6.71 1.85
CA ALA A 21 4.68 -6.25 2.18
C ALA A 21 3.71 -6.56 1.05
N THR A 22 2.45 -6.23 1.25
CA THR A 22 1.42 -6.47 0.25
C THR A 22 0.44 -5.30 0.19
N CYS A 23 0.00 -4.96 -1.01
CA CYS A 23 -0.94 -3.87 -1.21
C CYS A 23 -2.36 -4.35 -0.89
N THR A 24 -2.94 -3.83 0.19
CA THR A 24 -4.27 -4.24 0.62
C THR A 24 -5.23 -3.05 0.67
N GLN A 25 -6.51 -3.37 0.56
CA GLN A 25 -7.58 -2.39 0.62
C GLN A 25 -7.80 -1.94 2.06
N GLU A 26 -7.85 -0.63 2.25
CA GLU A 26 -8.06 -0.06 3.59
C GLU A 26 -8.93 1.19 3.51
N ARG A 27 -9.13 1.82 4.66
CA ARG A 27 -9.94 3.03 4.74
C ARG A 27 -9.12 4.21 5.25
N ASN A 28 -9.30 5.36 4.62
CA ASN A 28 -8.56 6.57 5.01
C ASN A 28 -9.37 7.40 6.01
N GLU A 29 -8.85 8.57 6.34
CA GLU A 29 -9.51 9.46 7.29
C GLU A 29 -10.86 9.93 6.75
N ASN A 30 -10.96 10.05 5.43
CA ASN A 30 -12.19 10.48 4.79
C ASN A 30 -13.24 9.37 4.80
N GLY A 31 -12.78 8.12 4.78
CA GLY A 31 -13.68 7.00 4.80
C GLY A 31 -13.83 6.33 3.43
N HIS A 32 -12.96 6.68 2.48
CA HIS A 32 -13.00 6.10 1.15
C HIS A 32 -12.04 4.92 1.05
N THR A 33 -12.32 4.00 0.13
CA THR A 33 -11.48 2.83 -0.06
C THR A 33 -10.13 3.22 -0.63
N VAL A 34 -9.06 2.72 -0.02
CA VAL A 34 -7.71 3.01 -0.47
C VAL A 34 -6.85 1.76 -0.44
N TYR A 35 -5.63 1.87 -0.96
CA TYR A 35 -4.71 0.74 -0.99
C TYR A 35 -3.43 1.07 -0.22
N TYR A 36 -3.11 0.25 0.78
CA TYR A 36 -1.91 0.47 1.59
C TYR A 36 -1.01 -0.76 1.61
N CYS A 37 0.22 -0.57 2.08
CA CYS A 37 1.19 -1.65 2.16
C CYS A 37 1.30 -2.19 3.58
N ARG A 38 1.30 -3.51 3.70
CA ARG A 38 1.38 -4.17 4.99
C ARG A 38 2.46 -5.25 4.99
N ALA A 39 3.36 -5.18 5.96
CA ALA A 39 4.44 -6.16 6.07
C ALA A 39 3.91 -7.52 6.48
N GLY A 1 16.34 -1.05 -7.80
CA GLY A 1 14.90 -1.42 -7.67
C GLY A 1 14.10 -0.38 -6.92
N SER A 2 12.78 -0.56 -6.89
CA SER A 2 11.90 0.37 -6.19
C SER A 2 10.67 -0.34 -5.64
N CYS A 3 10.22 0.07 -4.46
CA CYS A 3 9.05 -0.53 -3.83
C CYS A 3 8.36 0.47 -2.92
N VAL A 4 7.16 0.13 -2.49
CA VAL A 4 6.38 0.99 -1.61
C VAL A 4 6.68 0.68 -0.14
N PRO A 5 6.95 1.70 0.70
CA PRO A 5 7.25 1.48 2.11
C PRO A 5 6.04 0.93 2.86
N VAL A 6 6.27 -0.07 3.71
CA VAL A 6 5.20 -0.66 4.50
C VAL A 6 4.53 0.40 5.34
N ASP A 7 3.24 0.19 5.59
CA ASP A 7 2.44 1.14 6.35
C ASP A 7 2.15 2.39 5.53
N GLN A 8 2.53 2.40 4.24
CA GLN A 8 2.27 3.53 3.38
C GLN A 8 1.32 3.14 2.25
N PRO A 9 0.58 4.11 1.69
CA PRO A 9 -0.37 3.84 0.62
C PRO A 9 0.29 3.36 -0.67
N CYS A 10 -0.36 2.41 -1.32
CA CYS A 10 0.13 1.85 -2.58
C CYS A 10 -0.96 1.88 -3.63
N SER A 11 -0.65 1.36 -4.81
CA SER A 11 -1.61 1.33 -5.91
C SER A 11 -1.51 0.01 -6.67
N LEU A 12 -2.55 -0.31 -7.42
CA LEU A 12 -2.59 -1.55 -8.19
C LEU A 12 -1.78 -1.43 -9.49
N ASN A 13 -1.43 -0.20 -9.87
CA ASN A 13 -0.66 0.02 -11.10
C ASN A 13 0.76 0.50 -10.78
N THR A 14 1.15 0.44 -9.51
CA THR A 14 2.49 0.87 -9.11
C THR A 14 3.35 -0.31 -8.70
N GLN A 15 4.57 -0.02 -8.25
CA GLN A 15 5.50 -1.04 -7.82
C GLN A 15 5.01 -1.72 -6.54
N PRO A 16 5.45 -2.98 -6.27
CA PRO A 16 5.05 -3.70 -5.06
C PRO A 16 5.51 -3.00 -3.79
N CYS A 17 5.24 -3.61 -2.65
CA CYS A 17 5.63 -3.04 -1.36
C CYS A 17 7.04 -3.46 -0.98
N CYS A 18 7.51 -2.93 0.14
CA CYS A 18 8.85 -3.22 0.64
C CYS A 18 8.78 -4.19 1.80
N ASP A 19 9.93 -4.75 2.18
CA ASP A 19 10.00 -5.70 3.28
C ASP A 19 9.03 -6.85 3.07
N ASP A 20 8.82 -7.21 1.81
CA ASP A 20 7.92 -8.30 1.46
C ASP A 20 6.48 -7.99 1.89
N ALA A 21 6.10 -6.73 1.75
CA ALA A 21 4.76 -6.30 2.13
C ALA A 21 3.75 -6.61 1.01
N THR A 22 2.49 -6.31 1.27
CA THR A 22 1.44 -6.55 0.29
C THR A 22 0.45 -5.39 0.27
N CYS A 23 0.00 -5.02 -0.94
CA CYS A 23 -0.94 -3.94 -1.10
C CYS A 23 -2.35 -4.43 -0.77
N THR A 24 -2.92 -3.93 0.32
CA THR A 24 -4.25 -4.34 0.75
C THR A 24 -5.21 -3.16 0.82
N GLN A 25 -6.50 -3.49 0.71
CA GLN A 25 -7.56 -2.50 0.78
C GLN A 25 -7.79 -2.05 2.21
N GLU A 26 -7.85 -0.74 2.42
CA GLU A 26 -8.07 -0.18 3.74
C GLU A 26 -8.90 1.10 3.67
N ARG A 27 -9.11 1.73 4.82
CA ARG A 27 -9.90 2.95 4.88
C ARG A 27 -9.02 4.14 5.27
N ASN A 28 -9.34 5.31 4.72
CA ASN A 28 -8.59 6.53 5.01
C ASN A 28 -9.38 7.46 5.92
N GLU A 29 -8.84 8.66 6.13
CA GLU A 29 -9.50 9.65 6.98
C GLU A 29 -10.78 10.16 6.33
N ASN A 30 -10.78 10.19 4.99
CA ASN A 30 -11.95 10.66 4.25
C ASN A 30 -13.07 9.64 4.31
N GLY A 31 -12.71 8.36 4.43
CA GLY A 31 -13.71 7.32 4.50
C GLY A 31 -13.88 6.58 3.19
N HIS A 32 -12.95 6.75 2.26
CA HIS A 32 -13.02 6.08 0.96
C HIS A 32 -12.05 4.89 0.94
N THR A 33 -12.35 3.92 0.08
CA THR A 33 -11.50 2.73 -0.04
C THR A 33 -10.14 3.09 -0.61
N VAL A 34 -9.09 2.66 0.07
CA VAL A 34 -7.72 2.93 -0.37
C VAL A 34 -6.87 1.66 -0.30
N TYR A 35 -5.65 1.75 -0.80
CA TYR A 35 -4.74 0.62 -0.79
C TYR A 35 -3.46 0.95 -0.03
N TYR A 36 -3.13 0.13 0.95
CA TYR A 36 -1.94 0.36 1.77
C TYR A 36 -1.02 -0.85 1.75
N CYS A 37 0.22 -0.65 2.20
CA CYS A 37 1.22 -1.72 2.24
C CYS A 37 1.34 -2.28 3.64
N ARG A 38 1.36 -3.61 3.74
CA ARG A 38 1.48 -4.29 5.03
C ARG A 38 2.55 -5.36 4.98
N ALA A 39 3.46 -5.31 5.94
CA ALA A 39 4.56 -6.27 6.02
C ALA A 39 4.05 -7.64 6.45
N GLY A 1 15.70 -1.43 -8.83
CA GLY A 1 14.25 -1.61 -8.57
C GLY A 1 13.75 -0.76 -7.43
N SER A 2 12.44 -0.52 -7.38
CA SER A 2 11.84 0.28 -6.33
C SER A 2 10.62 -0.42 -5.73
N CYS A 3 10.25 -0.03 -4.53
CA CYS A 3 9.11 -0.61 -3.84
C CYS A 3 8.45 0.40 -2.92
N VAL A 4 7.23 0.07 -2.47
CA VAL A 4 6.48 0.95 -1.58
C VAL A 4 6.78 0.62 -0.12
N PRO A 5 7.09 1.62 0.72
CA PRO A 5 7.38 1.37 2.14
C PRO A 5 6.16 0.86 2.89
N VAL A 6 6.37 -0.15 3.73
CA VAL A 6 5.28 -0.71 4.52
C VAL A 6 4.63 0.37 5.36
N ASP A 7 3.34 0.20 5.62
CA ASP A 7 2.58 1.17 6.38
C ASP A 7 2.31 2.42 5.55
N GLN A 8 2.70 2.41 4.26
CA GLN A 8 2.45 3.55 3.39
C GLN A 8 1.50 3.17 2.27
N PRO A 9 0.77 4.15 1.70
CA PRO A 9 -0.18 3.89 0.63
C PRO A 9 0.47 3.40 -0.65
N CYS A 10 -0.21 2.47 -1.30
CA CYS A 10 0.27 1.91 -2.56
C CYS A 10 -0.83 1.94 -3.61
N SER A 11 -0.54 1.41 -4.79
CA SER A 11 -1.51 1.39 -5.87
C SER A 11 -1.47 0.04 -6.59
N LEU A 12 -2.59 -0.32 -7.21
CA LEU A 12 -2.70 -1.58 -7.94
C LEU A 12 -1.89 -1.55 -9.24
N ASN A 13 -1.63 -0.35 -9.75
CA ASN A 13 -0.86 -0.19 -10.98
C ASN A 13 0.55 0.31 -10.71
N THR A 14 0.97 0.34 -9.44
CA THR A 14 2.29 0.82 -9.09
C THR A 14 3.20 -0.35 -8.67
N GLN A 15 4.42 -0.03 -8.26
CA GLN A 15 5.38 -1.04 -7.84
C GLN A 15 4.92 -1.72 -6.54
N PRO A 16 5.39 -2.96 -6.28
CA PRO A 16 5.01 -3.70 -5.07
C PRO A 16 5.51 -3.00 -3.80
N CYS A 17 5.26 -3.63 -2.65
CA CYS A 17 5.67 -3.06 -1.38
C CYS A 17 7.08 -3.51 -1.02
N CYS A 18 7.57 -3.00 0.11
CA CYS A 18 8.90 -3.32 0.59
C CYS A 18 8.83 -4.30 1.75
N ASP A 19 9.97 -4.87 2.11
CA ASP A 19 10.04 -5.84 3.22
C ASP A 19 9.06 -6.98 3.01
N ASP A 20 8.80 -7.31 1.74
CA ASP A 20 7.89 -8.39 1.40
C ASP A 20 6.47 -8.05 1.83
N ALA A 21 6.10 -6.78 1.71
CA ALA A 21 4.76 -6.33 2.09
C ALA A 21 3.76 -6.61 0.98
N THR A 22 2.49 -6.32 1.25
CA THR A 22 1.44 -6.54 0.28
C THR A 22 0.47 -5.36 0.26
N CYS A 23 0.03 -4.99 -0.94
CA CYS A 23 -0.90 -3.87 -1.10
C CYS A 23 -2.31 -4.35 -0.78
N THR A 24 -2.87 -3.85 0.31
CA THR A 24 -4.21 -4.25 0.73
C THR A 24 -5.17 -3.06 0.76
N GLN A 25 -6.45 -3.38 0.65
CA GLN A 25 -7.51 -2.39 0.66
C GLN A 25 -7.77 -1.94 2.10
N GLU A 26 -7.82 -0.62 2.29
CA GLU A 26 -8.06 -0.05 3.62
C GLU A 26 -8.92 1.20 3.52
N ARG A 27 -9.16 1.84 4.67
CA ARG A 27 -9.97 3.04 4.71
C ARG A 27 -9.13 4.25 5.14
N ASN A 28 -9.47 5.42 4.60
CA ASN A 28 -8.74 6.64 4.94
C ASN A 28 -9.56 7.53 5.87
N GLU A 29 -9.08 8.74 6.10
CA GLU A 29 -9.78 9.69 6.98
C GLU A 29 -11.17 10.01 6.43
N ASN A 30 -11.24 10.25 5.12
CA ASN A 30 -12.51 10.57 4.48
C ASN A 30 -13.47 9.39 4.52
N GLY A 31 -12.91 8.18 4.51
CA GLY A 31 -13.73 6.98 4.54
C GLY A 31 -13.79 6.26 3.20
N HIS A 32 -13.06 6.75 2.21
CA HIS A 32 -13.04 6.13 0.90
C HIS A 32 -12.06 4.96 0.87
N THR A 33 -12.29 4.02 -0.05
CA THR A 33 -11.42 2.85 -0.16
C THR A 33 -10.04 3.25 -0.65
N VAL A 34 -9.02 2.76 0.03
CA VAL A 34 -7.64 3.05 -0.33
C VAL A 34 -6.79 1.79 -0.32
N TYR A 35 -5.55 1.91 -0.76
CA TYR A 35 -4.63 0.77 -0.79
C TYR A 35 -3.35 1.09 -0.03
N TYR A 36 -3.02 0.24 0.95
CA TYR A 36 -1.82 0.45 1.76
C TYR A 36 -0.93 -0.79 1.75
N CYS A 37 0.31 -0.61 2.21
CA CYS A 37 1.28 -1.69 2.26
C CYS A 37 1.39 -2.25 3.67
N ARG A 38 1.37 -3.58 3.77
CA ARG A 38 1.47 -4.26 5.06
C ARG A 38 2.53 -5.34 5.03
N ALA A 39 3.44 -5.29 5.98
CA ALA A 39 4.52 -6.27 6.07
C ALA A 39 3.99 -7.64 6.45
N GLY A 1 16.31 -1.45 -7.14
CA GLY A 1 14.88 -1.83 -7.08
C GLY A 1 14.04 -0.86 -6.26
N SER A 2 12.85 -0.54 -6.75
CA SER A 2 11.96 0.39 -6.06
C SER A 2 10.73 -0.33 -5.54
N CYS A 3 10.25 0.08 -4.38
CA CYS A 3 9.07 -0.52 -3.77
C CYS A 3 8.35 0.49 -2.89
N VAL A 4 7.13 0.14 -2.48
CA VAL A 4 6.34 1.01 -1.62
C VAL A 4 6.62 0.71 -0.15
N PRO A 5 6.86 1.75 0.68
CA PRO A 5 7.13 1.54 2.11
C PRO A 5 5.90 1.00 2.83
N VAL A 6 6.13 0.03 3.71
CA VAL A 6 5.04 -0.55 4.48
C VAL A 6 4.35 0.51 5.30
N ASP A 7 3.06 0.32 5.53
CA ASP A 7 2.25 1.28 6.26
C ASP A 7 1.95 2.51 5.41
N GLN A 8 2.37 2.50 4.13
CA GLN A 8 2.12 3.62 3.25
C GLN A 8 1.19 3.19 2.10
N PRO A 9 0.45 4.15 1.51
CA PRO A 9 -0.48 3.85 0.42
C PRO A 9 0.22 3.35 -0.85
N CYS A 10 -0.41 2.39 -1.50
CA CYS A 10 0.11 1.81 -2.72
C CYS A 10 -0.95 1.83 -3.82
N SER A 11 -0.59 1.30 -4.98
CA SER A 11 -1.52 1.25 -6.11
C SER A 11 -1.38 -0.07 -6.86
N LEU A 12 -2.41 -0.42 -7.63
CA LEU A 12 -2.40 -1.65 -8.40
C LEU A 12 -1.56 -1.53 -9.67
N ASN A 13 -1.23 -0.30 -10.06
CA ASN A 13 -0.43 -0.07 -11.26
C ASN A 13 0.98 0.42 -10.91
N THR A 14 1.35 0.37 -9.64
CA THR A 14 2.66 0.81 -9.20
C THR A 14 3.52 -0.37 -8.77
N GLN A 15 4.71 -0.07 -8.24
CA GLN A 15 5.63 -1.10 -7.79
C GLN A 15 5.12 -1.76 -6.51
N PRO A 16 5.54 -3.01 -6.22
CA PRO A 16 5.11 -3.74 -5.02
C PRO A 16 5.54 -3.03 -3.75
N CYS A 17 5.24 -3.62 -2.61
CA CYS A 17 5.59 -3.03 -1.32
C CYS A 17 7.00 -3.45 -0.91
N CYS A 18 7.45 -2.88 0.22
CA CYS A 18 8.78 -3.17 0.74
C CYS A 18 8.69 -4.11 1.93
N ASP A 19 9.84 -4.65 2.34
CA ASP A 19 9.90 -5.58 3.47
C ASP A 19 8.95 -6.75 3.27
N ASP A 20 8.74 -7.13 2.01
CA ASP A 20 7.85 -8.24 1.68
C ASP A 20 6.41 -7.91 2.06
N ALA A 21 6.02 -6.66 1.89
CA ALA A 21 4.66 -6.22 2.21
C ALA A 21 3.71 -6.54 1.07
N THR A 22 2.43 -6.26 1.28
CA THR A 22 1.41 -6.51 0.27
C THR A 22 0.42 -5.36 0.21
N CYS A 23 -0.02 -5.02 -1.00
CA CYS A 23 -0.98 -3.94 -1.19
C CYS A 23 -2.39 -4.44 -0.87
N THR A 24 -2.98 -3.93 0.20
CA THR A 24 -4.30 -4.34 0.62
C THR A 24 -5.27 -3.16 0.72
N GLN A 25 -6.55 -3.48 0.61
CA GLN A 25 -7.61 -2.49 0.71
C GLN A 25 -7.81 -2.07 2.16
N GLU A 26 -7.85 -0.76 2.38
CA GLU A 26 -8.03 -0.22 3.73
C GLU A 26 -8.86 1.06 3.71
N ARG A 27 -9.06 1.65 4.88
CA ARG A 27 -9.84 2.88 4.99
C ARG A 27 -8.94 4.05 5.37
N ASN A 28 -9.15 5.19 4.71
CA ASN A 28 -8.37 6.39 4.98
C ASN A 28 -9.07 7.30 5.98
N GLU A 29 -8.53 8.50 6.18
CA GLU A 29 -9.12 9.46 7.10
C GLU A 29 -10.44 10.00 6.56
N ASN A 30 -10.53 10.10 5.24
CA ASN A 30 -11.74 10.61 4.60
C ASN A 30 -12.89 9.59 4.70
N GLY A 31 -12.53 8.31 4.74
CA GLY A 31 -13.53 7.27 4.84
C GLY A 31 -13.77 6.53 3.53
N HIS A 32 -12.89 6.75 2.55
CA HIS A 32 -13.01 6.09 1.26
C HIS A 32 -12.05 4.92 1.16
N THR A 33 -12.37 3.95 0.30
CA THR A 33 -11.54 2.78 0.12
C THR A 33 -10.21 3.14 -0.53
N VAL A 34 -9.12 2.59 0.00
CA VAL A 34 -7.79 2.86 -0.53
C VAL A 34 -6.92 1.60 -0.43
N TYR A 35 -5.74 1.67 -1.03
CA TYR A 35 -4.81 0.54 -1.01
C TYR A 35 -3.55 0.91 -0.24
N TYR A 36 -3.22 0.12 0.77
CA TYR A 36 -2.04 0.37 1.59
C TYR A 36 -1.11 -0.83 1.62
N CYS A 37 0.11 -0.61 2.09
CA CYS A 37 1.11 -1.67 2.18
C CYS A 37 1.22 -2.22 3.59
N ARG A 38 1.24 -3.53 3.71
CA ARG A 38 1.34 -4.19 5.01
C ARG A 38 2.43 -5.23 5.01
N ALA A 39 3.32 -5.16 5.98
CA ALA A 39 4.43 -6.10 6.09
C ALA A 39 3.93 -7.48 6.49
N GLY A 1 14.56 -2.73 -5.46
CA GLY A 1 14.97 -1.30 -5.42
C GLY A 1 13.79 -0.37 -5.17
N SER A 2 13.01 -0.11 -6.22
CA SER A 2 11.85 0.76 -6.10
C SER A 2 10.64 0.00 -5.57
N CYS A 3 10.19 0.36 -4.37
CA CYS A 3 9.04 -0.29 -3.76
C CYS A 3 8.33 0.67 -2.80
N VAL A 4 7.13 0.29 -2.39
CA VAL A 4 6.35 1.11 -1.48
C VAL A 4 6.66 0.75 -0.03
N PRO A 5 6.93 1.74 0.84
CA PRO A 5 7.22 1.46 2.26
C PRO A 5 6.01 0.90 2.99
N VAL A 6 6.24 -0.12 3.82
CA VAL A 6 5.16 -0.72 4.57
C VAL A 6 4.49 0.33 5.44
N ASP A 7 3.20 0.14 5.67
CA ASP A 7 2.39 1.07 6.44
C ASP A 7 2.09 2.32 5.63
N GLN A 8 2.49 2.34 4.34
CA GLN A 8 2.23 3.49 3.49
C GLN A 8 1.29 3.09 2.35
N PRO A 9 0.54 4.06 1.79
CA PRO A 9 -0.41 3.79 0.71
C PRO A 9 0.27 3.33 -0.58
N CYS A 10 -0.38 2.39 -1.25
CA CYS A 10 0.11 1.85 -2.51
C CYS A 10 -0.99 1.83 -3.55
N SER A 11 -0.68 1.32 -4.73
CA SER A 11 -1.65 1.25 -5.81
C SER A 11 -1.50 -0.06 -6.59
N LEU A 12 -2.60 -0.51 -7.18
CA LEU A 12 -2.60 -1.74 -7.95
C LEU A 12 -1.82 -1.59 -9.25
N ASN A 13 -1.64 -0.34 -9.70
CA ASN A 13 -0.91 -0.08 -10.93
C ASN A 13 0.48 0.51 -10.65
N THR A 14 0.90 0.49 -9.39
CA THR A 14 2.21 1.02 -9.02
C THR A 14 3.16 -0.11 -8.61
N GLN A 15 4.36 0.26 -8.18
CA GLN A 15 5.35 -0.72 -7.75
C GLN A 15 4.89 -1.45 -6.50
N PRO A 16 5.39 -2.68 -6.26
CA PRO A 16 5.02 -3.47 -5.08
C PRO A 16 5.48 -2.81 -3.78
N CYS A 17 5.22 -3.47 -2.67
CA CYS A 17 5.62 -2.95 -1.37
C CYS A 17 7.04 -3.36 -1.01
N CYS A 18 7.51 -2.87 0.13
CA CYS A 18 8.86 -3.17 0.61
C CYS A 18 8.81 -4.19 1.74
N ASP A 19 9.96 -4.75 2.08
CA ASP A 19 10.05 -5.74 3.15
C ASP A 19 9.10 -6.91 2.90
N ASP A 20 8.86 -7.19 1.61
CA ASP A 20 7.97 -8.28 1.24
C ASP A 20 6.53 -8.01 1.70
N ALA A 21 6.13 -6.74 1.64
CA ALA A 21 4.79 -6.34 2.04
C ALA A 21 3.78 -6.64 0.93
N THR A 22 2.51 -6.38 1.23
CA THR A 22 1.45 -6.62 0.27
C THR A 22 0.47 -5.45 0.26
N CYS A 23 0.02 -5.07 -0.94
CA CYS A 23 -0.92 -3.97 -1.09
C CYS A 23 -2.34 -4.47 -0.78
N THR A 24 -2.90 -3.99 0.33
CA THR A 24 -4.23 -4.40 0.75
C THR A 24 -5.20 -3.23 0.81
N GLN A 25 -6.48 -3.55 0.70
CA GLN A 25 -7.55 -2.57 0.77
C GLN A 25 -7.76 -2.11 2.21
N GLU A 26 -7.90 -0.81 2.39
CA GLU A 26 -8.11 -0.23 3.71
C GLU A 26 -8.90 1.06 3.62
N ARG A 27 -9.12 1.70 4.77
CA ARG A 27 -9.87 2.95 4.82
C ARG A 27 -8.94 4.13 5.12
N ASN A 28 -9.26 5.29 4.57
CA ASN A 28 -8.44 6.48 4.78
C ASN A 28 -9.17 7.49 5.68
N GLU A 29 -8.58 8.66 5.84
CA GLU A 29 -9.16 9.71 6.68
C GLU A 29 -10.44 10.24 6.05
N ASN A 30 -10.51 10.22 4.73
CA ASN A 30 -11.67 10.71 4.00
C ASN A 30 -12.84 9.72 4.13
N GLY A 31 -12.52 8.44 4.27
CA GLY A 31 -13.55 7.43 4.40
C GLY A 31 -13.74 6.61 3.14
N HIS A 32 -12.89 6.81 2.13
CA HIS A 32 -12.99 6.07 0.87
C HIS A 32 -12.04 4.88 0.88
N THR A 33 -12.34 3.88 0.06
CA THR A 33 -11.50 2.70 -0.02
C THR A 33 -10.15 3.02 -0.64
N VAL A 34 -9.08 2.63 0.05
CA VAL A 34 -7.73 2.88 -0.43
C VAL A 34 -6.89 1.62 -0.31
N TYR A 35 -5.67 1.67 -0.84
CA TYR A 35 -4.75 0.53 -0.79
C TYR A 35 -3.48 0.89 -0.02
N TYR A 36 -3.15 0.06 0.97
CA TYR A 36 -1.96 0.30 1.78
C TYR A 36 -1.03 -0.90 1.78
N CYS A 37 0.20 -0.70 2.24
CA CYS A 37 1.20 -1.77 2.29
C CYS A 37 1.32 -2.34 3.69
N ARG A 38 1.33 -3.67 3.78
CA ARG A 38 1.43 -4.35 5.05
C ARG A 38 2.52 -5.41 5.01
N ALA A 39 3.43 -5.35 5.98
CA ALA A 39 4.53 -6.29 6.06
C ALA A 39 4.03 -7.69 6.42
N GLY A 1 14.68 -1.31 -9.03
CA GLY A 1 14.96 -1.37 -7.56
C GLY A 1 14.16 -0.34 -6.79
N SER A 2 12.84 -0.49 -6.79
CA SER A 2 11.96 0.42 -6.08
C SER A 2 10.73 -0.30 -5.56
N CYS A 3 10.25 0.11 -4.39
CA CYS A 3 9.08 -0.49 -3.78
C CYS A 3 8.36 0.51 -2.89
N VAL A 4 7.14 0.15 -2.47
CA VAL A 4 6.35 1.01 -1.61
C VAL A 4 6.64 0.71 -0.14
N PRO A 5 6.90 1.74 0.70
CA PRO A 5 7.17 1.51 2.12
C PRO A 5 5.96 0.98 2.86
N VAL A 6 6.18 0.00 3.72
CA VAL A 6 5.10 -0.59 4.50
C VAL A 6 4.42 0.48 5.33
N ASP A 7 3.13 0.28 5.56
CA ASP A 7 2.31 1.23 6.30
C ASP A 7 2.04 2.47 5.44
N GLN A 8 2.43 2.45 4.16
CA GLN A 8 2.20 3.58 3.28
C GLN A 8 1.26 3.17 2.14
N PRO A 9 0.54 4.13 1.54
CA PRO A 9 -0.39 3.85 0.45
C PRO A 9 0.29 3.35 -0.81
N CYS A 10 -0.35 2.39 -1.46
CA CYS A 10 0.16 1.81 -2.70
C CYS A 10 -0.92 1.83 -3.78
N SER A 11 -0.58 1.29 -4.93
CA SER A 11 -1.52 1.24 -6.05
C SER A 11 -1.41 -0.10 -6.79
N LEU A 12 -2.45 -0.45 -7.53
CA LEU A 12 -2.47 -1.69 -8.28
C LEU A 12 -1.64 -1.59 -9.57
N ASN A 13 -1.32 -0.37 -9.98
CA ASN A 13 -0.53 -0.16 -11.20
C ASN A 13 0.88 0.35 -10.88
N THR A 14 1.27 0.32 -9.60
CA THR A 14 2.59 0.78 -9.21
C THR A 14 3.46 -0.38 -8.75
N GLN A 15 4.66 -0.07 -8.29
CA GLN A 15 5.60 -1.08 -7.82
C GLN A 15 5.09 -1.74 -6.54
N PRO A 16 5.53 -2.99 -6.25
CA PRO A 16 5.10 -3.72 -5.06
C PRO A 16 5.54 -3.00 -3.78
N CYS A 17 5.24 -3.61 -2.64
CA CYS A 17 5.61 -3.03 -1.35
C CYS A 17 7.03 -3.44 -0.95
N CYS A 18 7.48 -2.90 0.17
CA CYS A 18 8.82 -3.18 0.69
C CYS A 18 8.74 -4.15 1.86
N ASP A 19 9.89 -4.70 2.24
CA ASP A 19 9.96 -5.64 3.36
C ASP A 19 9.00 -6.81 3.15
N ASP A 20 8.77 -7.16 1.89
CA ASP A 20 7.87 -8.26 1.55
C ASP A 20 6.43 -7.93 1.95
N ALA A 21 6.05 -6.67 1.81
CA ALA A 21 4.70 -6.24 2.17
C ALA A 21 3.73 -6.55 1.03
N THR A 22 2.45 -6.28 1.28
CA THR A 22 1.42 -6.53 0.30
C THR A 22 0.42 -5.38 0.24
N CYS A 23 -0.01 -5.02 -0.95
CA CYS A 23 -0.96 -3.94 -1.14
C CYS A 23 -2.38 -4.43 -0.81
N THR A 24 -2.95 -3.91 0.27
CA THR A 24 -4.28 -4.32 0.70
C THR A 24 -5.24 -3.14 0.76
N GLN A 25 -6.53 -3.46 0.66
CA GLN A 25 -7.60 -2.47 0.73
C GLN A 25 -7.81 -2.03 2.17
N GLU A 26 -7.84 -0.72 2.38
CA GLU A 26 -8.04 -0.15 3.71
C GLU A 26 -8.88 1.11 3.64
N ARG A 27 -9.08 1.74 4.79
CA ARG A 27 -9.87 2.97 4.86
C ARG A 27 -9.02 4.15 5.31
N ASN A 28 -9.25 5.30 4.71
CA ASN A 28 -8.49 6.51 5.04
C ASN A 28 -9.28 7.38 6.02
N GLU A 29 -8.73 8.55 6.31
CA GLU A 29 -9.38 9.49 7.22
C GLU A 29 -10.70 10.01 6.63
N ASN A 30 -10.74 10.11 5.30
CA ASN A 30 -11.93 10.58 4.62
C ASN A 30 -13.03 9.52 4.63
N GLY A 31 -12.63 8.25 4.67
CA GLY A 31 -13.60 7.18 4.70
C GLY A 31 -13.73 6.45 3.36
N HIS A 32 -12.91 6.81 2.38
CA HIS A 32 -12.96 6.17 1.07
C HIS A 32 -12.00 4.99 1.03
N THR A 33 -12.32 4.01 0.18
CA THR A 33 -11.49 2.82 0.05
C THR A 33 -10.15 3.17 -0.59
N VAL A 34 -9.07 2.69 0.03
CA VAL A 34 -7.72 2.94 -0.48
C VAL A 34 -6.88 1.68 -0.39
N TYR A 35 -5.68 1.74 -0.96
CA TYR A 35 -4.77 0.60 -0.94
C TYR A 35 -3.49 0.95 -0.18
N TYR A 36 -3.17 0.15 0.83
CA TYR A 36 -1.97 0.40 1.64
C TYR A 36 -1.06 -0.83 1.66
N CYS A 37 0.17 -0.62 2.13
CA CYS A 37 1.16 -1.69 2.20
C CYS A 37 1.26 -2.23 3.62
N ARG A 38 1.27 -3.56 3.74
CA ARG A 38 1.36 -4.20 5.03
C ARG A 38 2.43 -5.30 5.02
N ALA A 39 3.34 -5.24 5.98
CA ALA A 39 4.42 -6.21 6.09
C ALA A 39 3.88 -7.56 6.54
N GLY A 1 15.13 -2.74 -6.02
CA GLY A 1 15.29 -1.52 -6.85
C GLY A 1 14.31 -0.42 -6.46
N SER A 2 13.02 -0.72 -6.53
CA SER A 2 12.00 0.25 -6.18
C SER A 2 10.75 -0.45 -5.63
N CYS A 3 10.31 -0.03 -4.45
CA CYS A 3 9.13 -0.60 -3.83
C CYS A 3 8.44 0.41 -2.92
N VAL A 4 7.24 0.08 -2.49
CA VAL A 4 6.46 0.94 -1.63
C VAL A 4 6.75 0.63 -0.16
N PRO A 5 7.03 1.65 0.68
CA PRO A 5 7.31 1.43 2.10
C PRO A 5 6.09 0.91 2.85
N VAL A 6 6.30 -0.08 3.71
CA VAL A 6 5.21 -0.65 4.48
C VAL A 6 4.55 0.43 5.31
N ASP A 7 3.25 0.26 5.55
CA ASP A 7 2.47 1.22 6.29
C ASP A 7 2.19 2.46 5.44
N GLN A 8 2.59 2.44 4.16
CA GLN A 8 2.35 3.57 3.28
C GLN A 8 1.40 3.18 2.16
N PRO A 9 0.67 4.16 1.58
CA PRO A 9 -0.28 3.88 0.52
C PRO A 9 0.36 3.37 -0.76
N CYS A 10 -0.32 2.42 -1.40
CA CYS A 10 0.17 1.84 -2.65
C CYS A 10 -0.94 1.82 -3.70
N SER A 11 -0.63 1.27 -4.86
CA SER A 11 -1.59 1.20 -5.95
C SER A 11 -1.43 -0.11 -6.72
N LEU A 12 -2.46 -0.49 -7.47
CA LEU A 12 -2.43 -1.72 -8.25
C LEU A 12 -1.63 -1.55 -9.54
N ASN A 13 -1.35 -0.31 -9.92
CA ASN A 13 -0.57 -0.04 -11.13
C ASN A 13 0.83 0.47 -10.81
N THR A 14 1.24 0.38 -9.55
CA THR A 14 2.56 0.83 -9.15
C THR A 14 3.44 -0.35 -8.73
N GLN A 15 4.64 -0.05 -8.25
CA GLN A 15 5.57 -1.08 -7.83
C GLN A 15 5.09 -1.75 -6.54
N PRO A 16 5.52 -3.01 -6.28
CA PRO A 16 5.11 -3.74 -5.08
C PRO A 16 5.58 -3.05 -3.80
N CYS A 17 5.27 -3.63 -2.66
CA CYS A 17 5.66 -3.07 -1.37
C CYS A 17 7.06 -3.51 -0.98
N CYS A 18 7.54 -2.98 0.13
CA CYS A 18 8.87 -3.29 0.64
C CYS A 18 8.78 -4.26 1.82
N ASP A 19 9.92 -4.83 2.19
CA ASP A 19 9.98 -5.78 3.30
C ASP A 19 9.00 -6.93 3.10
N ASP A 20 8.76 -7.27 1.84
CA ASP A 20 7.83 -8.35 1.50
C ASP A 20 6.40 -8.01 1.91
N ALA A 21 6.05 -6.74 1.77
CA ALA A 21 4.71 -6.28 2.13
C ALA A 21 3.72 -6.57 1.01
N THR A 22 2.44 -6.32 1.27
CA THR A 22 1.39 -6.54 0.29
C THR A 22 0.42 -5.37 0.26
N CYS A 23 0.00 -5.00 -0.94
CA CYS A 23 -0.94 -3.90 -1.12
C CYS A 23 -2.35 -4.38 -0.78
N THR A 24 -2.91 -3.86 0.31
CA THR A 24 -4.23 -4.25 0.76
C THR A 24 -5.20 -3.08 0.79
N GLN A 25 -6.49 -3.40 0.71
CA GLN A 25 -7.56 -2.42 0.74
C GLN A 25 -7.78 -1.96 2.19
N GLU A 26 -7.82 -0.65 2.38
CA GLU A 26 -8.03 -0.07 3.70
C GLU A 26 -8.88 1.18 3.62
N ARG A 27 -9.11 1.81 4.77
CA ARG A 27 -9.91 3.02 4.83
C ARG A 27 -9.06 4.23 5.21
N ASN A 28 -9.42 5.40 4.69
CA ASN A 28 -8.68 6.62 4.98
C ASN A 28 -9.46 7.51 5.94
N GLU A 29 -8.95 8.71 6.17
CA GLU A 29 -9.60 9.66 7.07
C GLU A 29 -10.94 10.12 6.52
N ASN A 30 -11.05 10.16 5.19
CA ASN A 30 -12.29 10.57 4.54
C ASN A 30 -13.34 9.48 4.60
N GLY A 31 -12.88 8.23 4.62
CA GLY A 31 -13.81 7.11 4.68
C GLY A 31 -13.92 6.34 3.36
N HIS A 32 -13.13 6.75 2.36
CA HIS A 32 -13.16 6.09 1.06
C HIS A 32 -12.16 4.93 1.02
N THR A 33 -12.40 3.98 0.13
CA THR A 33 -11.52 2.82 0.00
C THR A 33 -10.16 3.23 -0.53
N VAL A 34 -9.10 2.72 0.11
CA VAL A 34 -7.74 3.02 -0.29
C VAL A 34 -6.89 1.76 -0.29
N TYR A 35 -5.65 1.89 -0.74
CA TYR A 35 -4.73 0.75 -0.79
C TYR A 35 -3.43 1.08 -0.06
N TYR A 36 -3.08 0.25 0.92
CA TYR A 36 -1.87 0.46 1.70
C TYR A 36 -0.97 -0.77 1.69
N CYS A 37 0.26 -0.59 2.15
CA CYS A 37 1.24 -1.68 2.21
C CYS A 37 1.36 -2.23 3.62
N ARG A 38 1.33 -3.55 3.73
CA ARG A 38 1.43 -4.23 5.03
C ARG A 38 2.48 -5.31 4.99
N ALA A 39 3.42 -5.26 5.93
CA ALA A 39 4.50 -6.24 6.01
C ALA A 39 3.95 -7.60 6.42
N GLY A 1 16.31 -0.79 -7.99
CA GLY A 1 14.96 -1.30 -7.62
C GLY A 1 14.24 -0.39 -6.64
N SER A 2 12.92 -0.31 -6.77
CA SER A 2 12.11 0.53 -5.88
C SER A 2 10.86 -0.21 -5.41
N CYS A 3 10.36 0.19 -4.25
CA CYS A 3 9.17 -0.43 -3.69
C CYS A 3 8.43 0.56 -2.80
N VAL A 4 7.21 0.20 -2.41
CA VAL A 4 6.39 1.04 -1.57
C VAL A 4 6.65 0.74 -0.09
N PRO A 5 6.88 1.76 0.76
CA PRO A 5 7.13 1.54 2.18
C PRO A 5 5.89 1.00 2.90
N VAL A 6 6.10 0.02 3.76
CA VAL A 6 5.00 -0.58 4.50
C VAL A 6 4.30 0.49 5.32
N ASP A 7 3.00 0.30 5.52
CA ASP A 7 2.18 1.24 6.24
C ASP A 7 1.90 2.48 5.38
N GLN A 8 2.33 2.47 4.12
CA GLN A 8 2.10 3.60 3.23
C GLN A 8 1.18 3.19 2.08
N PRO A 9 0.44 4.15 1.49
CA PRO A 9 -0.48 3.85 0.39
C PRO A 9 0.22 3.34 -0.87
N CYS A 10 -0.42 2.39 -1.52
CA CYS A 10 0.10 1.81 -2.75
C CYS A 10 -0.98 1.77 -3.83
N SER A 11 -0.62 1.23 -4.98
CA SER A 11 -1.55 1.12 -6.09
C SER A 11 -1.40 -0.22 -6.80
N LEU A 12 -2.44 -0.61 -7.54
CA LEU A 12 -2.42 -1.88 -8.27
C LEU A 12 -1.59 -1.79 -9.55
N ASN A 13 -1.29 -0.58 -9.99
CA ASN A 13 -0.51 -0.39 -11.21
C ASN A 13 0.89 0.16 -10.92
N THR A 14 1.28 0.19 -9.64
CA THR A 14 2.58 0.69 -9.25
C THR A 14 3.48 -0.44 -8.75
N GLN A 15 4.67 -0.08 -8.30
CA GLN A 15 5.64 -1.06 -7.81
C GLN A 15 5.12 -1.74 -6.53
N PRO A 16 5.60 -2.95 -6.22
CA PRO A 16 5.18 -3.69 -5.01
C PRO A 16 5.58 -2.97 -3.74
N CYS A 17 5.31 -3.59 -2.60
CA CYS A 17 5.65 -3.00 -1.31
C CYS A 17 7.05 -3.41 -0.87
N CYS A 18 7.48 -2.87 0.25
CA CYS A 18 8.81 -3.14 0.80
C CYS A 18 8.71 -4.11 1.98
N ASP A 19 9.85 -4.65 2.39
CA ASP A 19 9.90 -5.60 3.51
C ASP A 19 8.95 -6.77 3.28
N ASP A 20 8.75 -7.12 2.01
CA ASP A 20 7.86 -8.22 1.66
C ASP A 20 6.42 -7.91 2.04
N ALA A 21 6.03 -6.65 1.89
CA ALA A 21 4.67 -6.22 2.21
C ALA A 21 3.72 -6.56 1.08
N THR A 22 2.43 -6.28 1.28
CA THR A 22 1.42 -6.55 0.28
C THR A 22 0.43 -5.39 0.19
N CYS A 23 0.04 -5.04 -1.03
CA CYS A 23 -0.91 -3.96 -1.26
C CYS A 23 -2.32 -4.45 -0.95
N THR A 24 -2.93 -3.90 0.10
CA THR A 24 -4.26 -4.30 0.52
C THR A 24 -5.22 -3.11 0.58
N GLN A 25 -6.50 -3.42 0.46
CA GLN A 25 -7.55 -2.42 0.53
C GLN A 25 -7.77 -1.98 1.98
N GLU A 26 -7.74 -0.68 2.21
CA GLU A 26 -7.94 -0.12 3.54
C GLU A 26 -8.77 1.16 3.48
N ARG A 27 -8.96 1.77 4.65
CA ARG A 27 -9.73 3.00 4.75
C ARG A 27 -8.84 4.18 5.11
N ASN A 28 -9.18 5.36 4.62
CA ASN A 28 -8.40 6.57 4.90
C ASN A 28 -9.11 7.44 5.92
N GLU A 29 -8.51 8.59 6.22
CA GLU A 29 -9.08 9.52 7.19
C GLU A 29 -10.46 9.99 6.73
N ASN A 30 -10.65 10.07 5.42
CA ASN A 30 -11.92 10.50 4.85
C ASN A 30 -12.98 9.41 4.98
N GLY A 31 -12.53 8.15 4.96
CA GLY A 31 -13.45 7.04 5.07
C GLY A 31 -13.65 6.28 3.76
N HIS A 32 -13.01 6.76 2.68
CA HIS A 32 -13.14 6.11 1.39
C HIS A 32 -12.14 4.97 1.27
N THR A 33 -12.42 4.02 0.37
CA THR A 33 -11.54 2.87 0.17
C THR A 33 -10.23 3.31 -0.45
N VAL A 34 -9.14 2.66 -0.03
CA VAL A 34 -7.81 2.98 -0.53
C VAL A 34 -6.92 1.74 -0.52
N TYR A 35 -5.71 1.88 -1.03
CA TYR A 35 -4.76 0.78 -1.08
C TYR A 35 -3.52 1.10 -0.25
N TYR A 36 -3.19 0.21 0.68
CA TYR A 36 -2.03 0.42 1.54
C TYR A 36 -1.11 -0.80 1.56
N CYS A 37 0.11 -0.60 2.05
CA CYS A 37 1.10 -1.67 2.13
C CYS A 37 1.19 -2.22 3.55
N ARG A 38 1.20 -3.54 3.66
CA ARG A 38 1.28 -4.21 4.95
C ARG A 38 2.36 -5.28 4.94
N ALA A 39 3.26 -5.20 5.93
CA ALA A 39 4.35 -6.17 6.03
C ALA A 39 3.82 -7.55 6.41
N GLY A 1 14.64 -3.03 -7.23
CA GLY A 1 15.01 -1.63 -7.59
C GLY A 1 14.26 -0.61 -6.76
N SER A 2 12.93 -0.67 -6.80
CA SER A 2 12.09 0.26 -6.05
C SER A 2 10.84 -0.43 -5.53
N CYS A 3 10.38 -0.01 -4.37
CA CYS A 3 9.19 -0.59 -3.75
C CYS A 3 8.49 0.43 -2.86
N VAL A 4 7.27 0.10 -2.45
CA VAL A 4 6.49 0.97 -1.58
C VAL A 4 6.76 0.66 -0.11
N PRO A 5 7.03 1.67 0.73
CA PRO A 5 7.28 1.44 2.15
C PRO A 5 6.04 0.93 2.88
N VAL A 6 6.25 -0.07 3.74
CA VAL A 6 5.15 -0.64 4.49
C VAL A 6 4.47 0.44 5.32
N ASP A 7 3.17 0.26 5.54
CA ASP A 7 2.37 1.22 6.28
C ASP A 7 2.11 2.47 5.43
N GLN A 8 2.53 2.45 4.15
CA GLN A 8 2.32 3.59 3.28
C GLN A 8 1.37 3.20 2.14
N PRO A 9 0.67 4.19 1.55
CA PRO A 9 -0.26 3.93 0.46
C PRO A 9 0.40 3.42 -0.81
N CYS A 10 -0.27 2.48 -1.47
CA CYS A 10 0.23 1.90 -2.70
C CYS A 10 -0.86 1.89 -3.77
N SER A 11 -0.55 1.35 -4.93
CA SER A 11 -1.50 1.27 -6.02
C SER A 11 -1.40 -0.07 -6.75
N LEU A 12 -2.52 -0.51 -7.30
CA LEU A 12 -2.57 -1.79 -8.02
C LEU A 12 -1.76 -1.73 -9.31
N ASN A 13 -1.49 -0.53 -9.82
CA ASN A 13 -0.73 -0.36 -11.05
C ASN A 13 0.68 0.17 -10.79
N THR A 14 1.10 0.20 -9.52
CA THR A 14 2.41 0.70 -9.18
C THR A 14 3.32 -0.44 -8.70
N GLN A 15 4.54 -0.09 -8.31
CA GLN A 15 5.50 -1.08 -7.84
C GLN A 15 5.02 -1.75 -6.55
N PRO A 16 5.51 -2.97 -6.26
CA PRO A 16 5.10 -3.70 -5.05
C PRO A 16 5.55 -2.99 -3.77
N CYS A 17 5.31 -3.62 -2.63
CA CYS A 17 5.69 -3.05 -1.35
C CYS A 17 7.08 -3.49 -0.93
N CYS A 18 7.54 -2.96 0.20
CA CYS A 18 8.86 -3.27 0.73
C CYS A 18 8.75 -4.23 1.91
N ASP A 19 9.89 -4.78 2.31
CA ASP A 19 9.92 -5.71 3.44
C ASP A 19 8.96 -6.87 3.23
N ASP A 20 8.75 -7.24 1.97
CA ASP A 20 7.85 -8.32 1.61
C ASP A 20 6.42 -7.98 1.99
N ALA A 21 6.04 -6.72 1.84
CA ALA A 21 4.70 -6.26 2.16
C ALA A 21 3.73 -6.58 1.03
N THR A 22 2.46 -6.24 1.23
CA THR A 22 1.43 -6.48 0.24
C THR A 22 0.46 -5.31 0.19
N CYS A 23 0.04 -4.95 -1.02
CA CYS A 23 -0.90 -3.86 -1.23
C CYS A 23 -2.31 -4.34 -0.92
N THR A 24 -2.90 -3.82 0.15
CA THR A 24 -4.24 -4.22 0.56
C THR A 24 -5.21 -3.04 0.61
N GLN A 25 -6.48 -3.36 0.50
CA GLN A 25 -7.55 -2.37 0.55
C GLN A 25 -7.77 -1.93 1.99
N GLU A 26 -7.82 -0.61 2.20
CA GLU A 26 -8.04 -0.06 3.54
C GLU A 26 -8.89 1.20 3.46
N ARG A 27 -9.09 1.83 4.61
CA ARG A 27 -9.89 3.04 4.70
C ARG A 27 -9.05 4.23 5.16
N ASN A 28 -9.31 5.40 4.58
CA ASN A 28 -8.57 6.59 4.95
C ASN A 28 -9.35 7.44 5.96
N GLU A 29 -8.83 8.63 6.26
CA GLU A 29 -9.47 9.53 7.20
C GLU A 29 -10.85 9.96 6.71
N ASN A 30 -10.98 10.10 5.40
CA ASN A 30 -12.25 10.49 4.80
C ASN A 30 -13.26 9.36 4.85
N GLY A 31 -12.77 8.12 4.83
CA GLY A 31 -13.65 6.98 4.88
C GLY A 31 -13.83 6.30 3.52
N HIS A 32 -12.98 6.66 2.55
CA HIS A 32 -13.06 6.07 1.22
C HIS A 32 -12.09 4.90 1.09
N THR A 33 -12.35 4.00 0.16
CA THR A 33 -11.48 2.84 -0.05
C THR A 33 -10.13 3.28 -0.61
N VAL A 34 -9.07 2.72 -0.03
CA VAL A 34 -7.72 3.03 -0.47
C VAL A 34 -6.85 1.78 -0.46
N TYR A 35 -5.63 1.91 -0.95
CA TYR A 35 -4.69 0.79 -1.01
C TYR A 35 -3.42 1.11 -0.22
N TYR A 36 -3.10 0.28 0.75
CA TYR A 36 -1.90 0.49 1.57
C TYR A 36 -1.01 -0.75 1.59
N CYS A 37 0.22 -0.56 2.08
CA CYS A 37 1.19 -1.65 2.16
C CYS A 37 1.28 -2.20 3.58
N ARG A 38 1.29 -3.53 3.69
CA ARG A 38 1.36 -4.18 4.98
C ARG A 38 2.43 -5.27 4.98
N ALA A 39 3.32 -5.21 5.96
CA ALA A 39 4.40 -6.18 6.08
C ALA A 39 3.86 -7.55 6.48
N GLY A 1 16.57 -1.06 -4.65
CA GLY A 1 15.45 -1.23 -5.63
C GLY A 1 14.35 -0.20 -5.43
N SER A 2 13.22 -0.43 -6.08
CA SER A 2 12.09 0.49 -5.99
C SER A 2 10.84 -0.24 -5.49
N CYS A 3 10.36 0.15 -4.32
CA CYS A 3 9.16 -0.46 -3.75
C CYS A 3 8.44 0.53 -2.84
N VAL A 4 7.22 0.17 -2.45
CA VAL A 4 6.43 1.01 -1.58
C VAL A 4 6.71 0.70 -0.10
N PRO A 5 6.96 1.71 0.74
CA PRO A 5 7.24 1.48 2.15
C PRO A 5 6.02 0.96 2.90
N VAL A 6 6.23 -0.03 3.77
CA VAL A 6 5.16 -0.61 4.54
C VAL A 6 4.46 0.47 5.35
N ASP A 7 3.17 0.28 5.57
CA ASP A 7 2.36 1.24 6.31
C ASP A 7 2.09 2.48 5.45
N GLN A 8 2.50 2.45 4.17
CA GLN A 8 2.27 3.57 3.28
C GLN A 8 1.33 3.17 2.15
N PRO A 9 0.62 4.14 1.55
CA PRO A 9 -0.34 3.85 0.47
C PRO A 9 0.33 3.35 -0.80
N CYS A 10 -0.33 2.39 -1.44
CA CYS A 10 0.15 1.81 -2.68
C CYS A 10 -0.95 1.78 -3.73
N SER A 11 -0.64 1.22 -4.89
CA SER A 11 -1.60 1.13 -5.98
C SER A 11 -1.41 -0.16 -6.78
N LEU A 12 -2.48 -0.63 -7.41
CA LEU A 12 -2.43 -1.85 -8.20
C LEU A 12 -1.64 -1.66 -9.50
N ASN A 13 -1.41 -0.40 -9.89
CA ASN A 13 -0.67 -0.10 -11.11
C ASN A 13 0.73 0.43 -10.81
N THR A 14 1.15 0.36 -9.55
CA THR A 14 2.47 0.85 -9.16
C THR A 14 3.37 -0.31 -8.73
N GLN A 15 4.57 0.03 -8.26
CA GLN A 15 5.53 -0.97 -7.81
C GLN A 15 5.04 -1.66 -6.54
N PRO A 16 5.51 -2.90 -6.26
CA PRO A 16 5.12 -3.65 -5.07
C PRO A 16 5.56 -2.96 -3.78
N CYS A 17 5.28 -3.59 -2.65
CA CYS A 17 5.65 -3.03 -1.35
C CYS A 17 7.06 -3.45 -0.96
N CYS A 18 7.51 -2.94 0.17
CA CYS A 18 8.84 -3.23 0.68
C CYS A 18 8.77 -4.22 1.84
N ASP A 19 9.91 -4.78 2.21
CA ASP A 19 9.99 -5.75 3.30
C ASP A 19 9.02 -6.91 3.07
N ASP A 20 8.78 -7.23 1.80
CA ASP A 20 7.88 -8.31 1.43
C ASP A 20 6.44 -8.00 1.86
N ALA A 21 6.06 -6.73 1.75
CA ALA A 21 4.71 -6.30 2.12
C ALA A 21 3.73 -6.60 1.00
N THR A 22 2.46 -6.33 1.26
CA THR A 22 1.41 -6.58 0.28
C THR A 22 0.43 -5.40 0.24
N CYS A 23 0.00 -5.04 -0.96
CA CYS A 23 -0.94 -3.94 -1.13
C CYS A 23 -2.36 -4.42 -0.80
N THR A 24 -2.91 -3.90 0.29
CA THR A 24 -4.25 -4.30 0.73
C THR A 24 -5.21 -3.12 0.78
N GLN A 25 -6.50 -3.44 0.70
CA GLN A 25 -7.55 -2.45 0.76
C GLN A 25 -7.74 -1.97 2.20
N GLU A 26 -7.91 -0.68 2.35
CA GLU A 26 -8.10 -0.07 3.67
C GLU A 26 -8.93 1.19 3.58
N ARG A 27 -9.13 1.85 4.72
CA ARG A 27 -9.91 3.09 4.77
C ARG A 27 -9.05 4.26 5.22
N ASN A 28 -9.29 5.42 4.64
CA ASN A 28 -8.54 6.62 4.99
C ASN A 28 -9.33 7.50 5.96
N GLU A 29 -8.80 8.69 6.23
CA GLU A 29 -9.45 9.61 7.15
C GLU A 29 -10.79 10.09 6.58
N ASN A 30 -10.88 10.14 5.26
CA ASN A 30 -12.10 10.58 4.59
C ASN A 30 -13.16 9.48 4.62
N GLY A 31 -12.72 8.23 4.64
CA GLY A 31 -13.65 7.12 4.67
C GLY A 31 -13.79 6.42 3.33
N HIS A 32 -12.91 6.72 2.39
CA HIS A 32 -12.95 6.10 1.07
C HIS A 32 -12.00 4.92 1.01
N THR A 33 -12.31 3.95 0.15
CA THR A 33 -11.48 2.77 0.01
C THR A 33 -10.14 3.11 -0.62
N VAL A 34 -9.06 2.70 0.04
CA VAL A 34 -7.71 2.96 -0.44
C VAL A 34 -6.87 1.70 -0.36
N TYR A 35 -5.66 1.79 -0.90
CA TYR A 35 -4.74 0.64 -0.89
C TYR A 35 -3.46 0.99 -0.15
N TYR A 36 -3.12 0.18 0.86
CA TYR A 36 -1.92 0.42 1.65
C TYR A 36 -1.01 -0.81 1.66
N CYS A 37 0.22 -0.61 2.13
CA CYS A 37 1.21 -1.69 2.21
C CYS A 37 1.31 -2.24 3.62
N ARG A 38 1.28 -3.56 3.73
CA ARG A 38 1.37 -4.22 5.03
C ARG A 38 2.42 -5.32 5.00
N ALA A 39 3.34 -5.27 5.97
CA ALA A 39 4.40 -6.26 6.06
C ALA A 39 3.84 -7.63 6.45
N GLY A 1 16.03 -1.91 -7.55
CA GLY A 1 14.55 -1.93 -7.67
C GLY A 1 13.87 -1.12 -6.57
N SER A 2 12.81 -0.41 -6.94
CA SER A 2 12.06 0.40 -5.99
C SER A 2 10.82 -0.34 -5.49
N CYS A 3 10.33 0.07 -4.32
CA CYS A 3 9.14 -0.54 -3.74
C CYS A 3 8.41 0.46 -2.86
N VAL A 4 7.18 0.12 -2.48
CA VAL A 4 6.38 0.98 -1.63
C VAL A 4 6.65 0.69 -0.15
N PRO A 5 6.90 1.73 0.68
CA PRO A 5 7.16 1.53 2.10
C PRO A 5 5.93 1.01 2.83
N VAL A 6 6.14 0.04 3.72
CA VAL A 6 5.04 -0.53 4.49
C VAL A 6 4.35 0.56 5.28
N ASP A 7 3.06 0.39 5.51
CA ASP A 7 2.24 1.36 6.22
C ASP A 7 1.97 2.58 5.35
N GLN A 8 2.40 2.53 4.07
CA GLN A 8 2.16 3.65 3.17
C GLN A 8 1.23 3.23 2.04
N PRO A 9 0.51 4.19 1.42
CA PRO A 9 -0.42 3.88 0.33
C PRO A 9 0.26 3.37 -0.92
N CYS A 10 -0.39 2.40 -1.56
CA CYS A 10 0.13 1.80 -2.78
C CYS A 10 -0.95 1.79 -3.86
N SER A 11 -0.61 1.24 -5.01
CA SER A 11 -1.55 1.15 -6.13
C SER A 11 -1.39 -0.16 -6.88
N LEU A 12 -2.41 -0.51 -7.65
CA LEU A 12 -2.39 -1.75 -8.43
C LEU A 12 -1.53 -1.62 -9.69
N ASN A 13 -1.22 -0.39 -10.09
CA ASN A 13 -0.41 -0.15 -11.26
C ASN A 13 0.99 0.36 -10.91
N THR A 14 1.35 0.30 -9.62
CA THR A 14 2.66 0.75 -9.18
C THR A 14 3.53 -0.42 -8.75
N GLN A 15 4.72 -0.12 -8.24
CA GLN A 15 5.64 -1.13 -7.78
C GLN A 15 5.14 -1.81 -6.51
N PRO A 16 5.59 -3.05 -6.22
CA PRO A 16 5.17 -3.77 -5.02
C PRO A 16 5.59 -3.06 -3.74
N CYS A 17 5.26 -3.64 -2.59
CA CYS A 17 5.61 -3.05 -1.31
C CYS A 17 7.01 -3.46 -0.89
N CYS A 18 7.46 -2.91 0.23
CA CYS A 18 8.78 -3.20 0.77
C CYS A 18 8.70 -4.15 1.95
N ASP A 19 9.84 -4.70 2.36
CA ASP A 19 9.89 -5.62 3.49
C ASP A 19 8.92 -6.79 3.30
N ASP A 20 8.72 -7.17 2.04
CA ASP A 20 7.81 -8.27 1.71
C ASP A 20 6.37 -7.93 2.08
N ALA A 21 5.99 -6.66 1.91
CA ALA A 21 4.65 -6.22 2.23
C ALA A 21 3.69 -6.54 1.09
N THR A 22 2.42 -6.24 1.29
CA THR A 22 1.40 -6.49 0.29
C THR A 22 0.41 -5.33 0.22
N CYS A 23 -0.02 -5.00 -1.00
CA CYS A 23 -0.98 -3.92 -1.21
C CYS A 23 -2.39 -4.41 -0.88
N THR A 24 -2.96 -3.88 0.19
CA THR A 24 -4.30 -4.28 0.63
C THR A 24 -5.26 -3.09 0.69
N GLN A 25 -6.55 -3.42 0.59
CA GLN A 25 -7.60 -2.43 0.64
C GLN A 25 -7.81 -1.97 2.09
N GLU A 26 -7.83 -0.66 2.28
CA GLU A 26 -8.03 -0.08 3.61
C GLU A 26 -8.84 1.20 3.52
N ARG A 27 -9.05 1.84 4.67
CA ARG A 27 -9.82 3.07 4.73
C ARG A 27 -8.93 4.25 5.16
N ASN A 28 -9.16 5.41 4.55
CA ASN A 28 -8.38 6.59 4.87
C ASN A 28 -9.09 7.44 5.92
N GLU A 29 -8.52 8.61 6.23
CA GLU A 29 -9.10 9.51 7.21
C GLU A 29 -10.51 9.93 6.81
N ASN A 30 -10.75 10.00 5.51
CA ASN A 30 -12.06 10.38 5.00
C ASN A 30 -13.05 9.22 5.08
N GLY A 31 -12.53 8.00 5.00
CA GLY A 31 -13.38 6.83 5.06
C GLY A 31 -13.54 6.11 3.73
N HIS A 32 -12.96 6.67 2.67
CA HIS A 32 -13.05 6.08 1.34
C HIS A 32 -12.08 4.91 1.23
N THR A 33 -12.37 3.98 0.31
CA THR A 33 -11.52 2.82 0.10
C THR A 33 -10.20 3.22 -0.55
N VAL A 34 -9.11 2.65 -0.05
CA VAL A 34 -7.79 2.92 -0.58
C VAL A 34 -6.91 1.68 -0.51
N TYR A 35 -5.71 1.78 -1.07
CA TYR A 35 -4.78 0.65 -1.07
C TYR A 35 -3.51 1.02 -0.29
N TYR A 36 -3.19 0.20 0.72
CA TYR A 36 -2.00 0.45 1.53
C TYR A 36 -1.09 -0.77 1.58
N CYS A 37 0.13 -0.56 2.05
CA CYS A 37 1.11 -1.64 2.15
C CYS A 37 1.21 -2.16 3.58
N ARG A 38 1.20 -3.48 3.71
CA ARG A 38 1.27 -4.12 5.02
C ARG A 38 2.33 -5.21 5.02
N ALA A 39 3.22 -5.16 6.02
CA ALA A 39 4.28 -6.14 6.14
C ALA A 39 3.72 -7.51 6.54
N GLY A 1 15.27 -2.87 -4.62
CA GLY A 1 14.82 -2.00 -5.74
C GLY A 1 13.73 -1.04 -5.33
N SER A 2 13.02 -0.50 -6.31
CA SER A 2 11.93 0.44 -6.05
C SER A 2 10.70 -0.28 -5.52
N CYS A 3 10.22 0.14 -4.35
CA CYS A 3 9.04 -0.47 -3.75
C CYS A 3 8.32 0.53 -2.86
N VAL A 4 7.11 0.17 -2.45
CA VAL A 4 6.30 1.03 -1.60
C VAL A 4 6.58 0.74 -0.11
N PRO A 5 6.83 1.77 0.71
CA PRO A 5 7.09 1.56 2.13
C PRO A 5 5.87 1.03 2.88
N VAL A 6 6.11 0.05 3.75
CA VAL A 6 5.02 -0.54 4.52
C VAL A 6 4.32 0.53 5.33
N ASP A 7 3.03 0.33 5.56
CA ASP A 7 2.21 1.28 6.27
C ASP A 7 1.93 2.52 5.42
N GLN A 8 2.34 2.48 4.13
CA GLN A 8 2.09 3.60 3.24
C GLN A 8 1.18 3.17 2.09
N PRO A 9 0.46 4.12 1.49
CA PRO A 9 -0.48 3.83 0.39
C PRO A 9 0.22 3.31 -0.86
N CYS A 10 -0.42 2.36 -1.51
CA CYS A 10 0.11 1.76 -2.74
C CYS A 10 -0.96 1.77 -3.82
N SER A 11 -0.62 1.22 -4.98
CA SER A 11 -1.56 1.14 -6.10
C SER A 11 -1.35 -0.13 -6.90
N LEU A 12 -2.39 -0.55 -7.61
CA LEU A 12 -2.32 -1.77 -8.43
C LEU A 12 -1.49 -1.56 -9.70
N ASN A 13 -1.22 -0.30 -10.04
CA ASN A 13 -0.43 0.01 -11.23
C ASN A 13 0.97 0.52 -10.88
N THR A 14 1.35 0.40 -9.60
CA THR A 14 2.65 0.86 -9.16
C THR A 14 3.53 -0.33 -8.73
N GLN A 15 4.71 -0.02 -8.22
CA GLN A 15 5.64 -1.05 -7.78
C GLN A 15 5.12 -1.73 -6.51
N PRO A 16 5.56 -2.98 -6.23
CA PRO A 16 5.13 -3.72 -5.04
C PRO A 16 5.56 -3.01 -3.75
N CYS A 17 5.23 -3.60 -2.61
CA CYS A 17 5.58 -3.01 -1.32
C CYS A 17 7.00 -3.41 -0.92
N CYS A 18 7.44 -2.86 0.21
CA CYS A 18 8.77 -3.14 0.73
C CYS A 18 8.71 -4.10 1.91
N ASP A 19 9.86 -4.63 2.30
CA ASP A 19 9.94 -5.58 3.40
C ASP A 19 8.98 -6.75 3.19
N ASP A 20 8.76 -7.11 1.93
CA ASP A 20 7.87 -8.21 1.58
C ASP A 20 6.44 -7.91 2.00
N ALA A 21 6.04 -6.65 1.86
CA ALA A 21 4.68 -6.23 2.21
C ALA A 21 3.70 -6.56 1.10
N THR A 22 2.43 -6.28 1.33
CA THR A 22 1.39 -6.55 0.35
C THR A 22 0.40 -5.41 0.27
N CYS A 23 -0.03 -5.07 -0.94
CA CYS A 23 -0.98 -3.98 -1.14
C CYS A 23 -2.39 -4.48 -0.82
N THR A 24 -2.98 -3.95 0.25
CA THR A 24 -4.30 -4.36 0.68
C THR A 24 -5.27 -3.18 0.75
N GLN A 25 -6.55 -3.50 0.65
CA GLN A 25 -7.61 -2.51 0.70
C GLN A 25 -7.81 -2.04 2.14
N GLU A 26 -7.82 -0.72 2.32
CA GLU A 26 -8.00 -0.13 3.65
C GLU A 26 -8.79 1.17 3.55
N ARG A 27 -9.00 1.81 4.70
CA ARG A 27 -9.75 3.06 4.74
C ARG A 27 -8.83 4.23 5.06
N ASN A 28 -9.15 5.40 4.52
CA ASN A 28 -8.34 6.60 4.76
C ASN A 28 -8.99 7.50 5.79
N GLU A 29 -8.39 8.67 6.01
CA GLU A 29 -8.92 9.64 6.97
C GLU A 29 -10.32 10.07 6.59
N ASN A 30 -10.62 10.09 5.30
CA ASN A 30 -11.93 10.49 4.81
C ASN A 30 -12.95 9.36 4.96
N GLY A 31 -12.46 8.12 4.90
CA GLY A 31 -13.35 6.97 5.03
C GLY A 31 -13.53 6.20 3.73
N HIS A 32 -12.97 6.71 2.64
CA HIS A 32 -13.09 6.05 1.34
C HIS A 32 -12.10 4.89 1.23
N THR A 33 -12.40 3.94 0.36
CA THR A 33 -11.55 2.78 0.16
C THR A 33 -10.22 3.19 -0.49
N VAL A 34 -9.15 2.53 -0.06
CA VAL A 34 -7.81 2.82 -0.59
C VAL A 34 -6.93 1.58 -0.50
N TYR A 35 -5.74 1.68 -1.07
CA TYR A 35 -4.80 0.56 -1.05
C TYR A 35 -3.54 0.92 -0.26
N TYR A 36 -3.22 0.12 0.74
CA TYR A 36 -2.05 0.37 1.57
C TYR A 36 -1.12 -0.84 1.61
N CYS A 37 0.10 -0.61 2.09
CA CYS A 37 1.10 -1.68 2.19
C CYS A 37 1.20 -2.20 3.61
N ARG A 38 1.21 -3.53 3.75
CA ARG A 38 1.29 -4.17 5.05
C ARG A 38 2.35 -5.28 5.04
N ALA A 39 3.23 -5.23 6.03
CA ALA A 39 4.28 -6.23 6.15
C ALA A 39 3.71 -7.60 6.50
N GLY A 1 15.68 -1.15 -8.23
CA GLY A 1 14.82 -1.90 -7.27
C GLY A 1 14.02 -0.97 -6.38
N SER A 2 12.91 -0.45 -6.90
CA SER A 2 12.05 0.46 -6.14
C SER A 2 10.81 -0.27 -5.64
N CYS A 3 10.35 0.11 -4.45
CA CYS A 3 9.17 -0.50 -3.86
C CYS A 3 8.47 0.47 -2.92
N VAL A 4 7.26 0.12 -2.52
CA VAL A 4 6.48 0.95 -1.61
C VAL A 4 6.80 0.61 -0.15
N PRO A 5 7.09 1.62 0.70
CA PRO A 5 7.40 1.37 2.11
C PRO A 5 6.20 0.83 2.87
N VAL A 6 6.43 -0.17 3.71
CA VAL A 6 5.36 -0.76 4.49
C VAL A 6 4.71 0.31 5.36
N ASP A 7 3.42 0.13 5.62
CA ASP A 7 2.65 1.08 6.40
C ASP A 7 2.36 2.34 5.58
N GLN A 8 2.73 2.34 4.28
CA GLN A 8 2.47 3.49 3.43
C GLN A 8 1.49 3.11 2.32
N PRO A 9 0.76 4.09 1.76
CA PRO A 9 -0.22 3.83 0.71
C PRO A 9 0.41 3.35 -0.59
N CYS A 10 -0.26 2.41 -1.23
CA CYS A 10 0.19 1.84 -2.50
C CYS A 10 -0.95 1.87 -3.52
N SER A 11 -0.67 1.33 -4.70
CA SER A 11 -1.67 1.29 -5.76
C SER A 11 -1.60 -0.03 -6.52
N LEU A 12 -2.66 -0.34 -7.26
CA LEU A 12 -2.71 -1.57 -8.04
C LEU A 12 -1.89 -1.46 -9.32
N ASN A 13 -1.62 -0.24 -9.77
CA ASN A 13 -0.85 -0.01 -10.98
C ASN A 13 0.56 0.53 -10.67
N THR A 14 0.95 0.50 -9.40
CA THR A 14 2.25 0.99 -9.00
C THR A 14 3.17 -0.16 -8.63
N GLN A 15 4.37 0.16 -8.15
CA GLN A 15 5.35 -0.84 -7.76
C GLN A 15 4.89 -1.58 -6.50
N PRO A 16 5.38 -2.83 -6.29
CA PRO A 16 5.00 -3.62 -5.11
C PRO A 16 5.49 -2.96 -3.81
N CYS A 17 5.25 -3.62 -2.70
CA CYS A 17 5.66 -3.09 -1.39
C CYS A 17 7.08 -3.54 -1.04
N CYS A 18 7.57 -3.03 0.08
CA CYS A 18 8.91 -3.35 0.55
C CYS A 18 8.86 -4.35 1.70
N ASP A 19 10.00 -4.92 2.04
CA ASP A 19 10.10 -5.90 3.12
C ASP A 19 9.11 -7.04 2.91
N ASP A 20 8.83 -7.36 1.65
CA ASP A 20 7.90 -8.44 1.32
C ASP A 20 6.49 -8.10 1.77
N ALA A 21 6.13 -6.83 1.68
CA ALA A 21 4.79 -6.38 2.08
C ALA A 21 3.77 -6.66 0.98
N THR A 22 2.51 -6.39 1.27
CA THR A 22 1.44 -6.61 0.32
C THR A 22 0.47 -5.43 0.31
N CYS A 23 0.02 -5.05 -0.88
CA CYS A 23 -0.92 -3.94 -1.01
C CYS A 23 -2.33 -4.42 -0.66
N THR A 24 -2.87 -3.92 0.44
CA THR A 24 -4.19 -4.31 0.90
C THR A 24 -5.16 -3.13 0.92
N GLN A 25 -6.45 -3.46 0.82
CA GLN A 25 -7.51 -2.47 0.86
C GLN A 25 -7.70 -1.95 2.27
N GLU A 26 -7.98 -0.67 2.39
CA GLU A 26 -8.19 -0.05 3.69
C GLU A 26 -9.03 1.22 3.55
N ARG A 27 -9.23 1.91 4.67
CA ARG A 27 -10.02 3.14 4.68
C ARG A 27 -9.18 4.33 5.07
N ASN A 28 -9.54 5.52 4.58
CA ASN A 28 -8.82 6.74 4.89
C ASN A 28 -9.65 7.66 5.76
N GLU A 29 -9.15 8.88 5.97
CA GLU A 29 -9.86 9.86 6.79
C GLU A 29 -11.23 10.18 6.22
N ASN A 30 -11.27 10.36 4.90
CA ASN A 30 -12.53 10.68 4.22
C ASN A 30 -13.50 9.50 4.28
N GLY A 31 -12.94 8.29 4.33
CA GLY A 31 -13.77 7.10 4.38
C GLY A 31 -13.80 6.33 3.07
N HIS A 32 -13.07 6.80 2.06
CA HIS A 32 -13.03 6.13 0.77
C HIS A 32 -12.06 4.95 0.80
N THR A 33 -12.27 3.98 -0.08
CA THR A 33 -11.41 2.81 -0.14
C THR A 33 -10.02 3.18 -0.64
N VAL A 34 -9.01 2.76 0.11
CA VAL A 34 -7.63 3.03 -0.26
C VAL A 34 -6.79 1.76 -0.20
N TYR A 35 -5.54 1.85 -0.63
CA TYR A 35 -4.65 0.70 -0.63
C TYR A 35 -3.35 1.02 0.12
N TYR A 36 -3.00 0.18 1.08
CA TYR A 36 -1.80 0.38 1.88
C TYR A 36 -0.90 -0.85 1.83
N CYS A 37 0.35 -0.67 2.27
CA CYS A 37 1.33 -1.75 2.28
C CYS A 37 1.48 -2.33 3.67
N ARG A 38 1.46 -3.66 3.76
CA ARG A 38 1.60 -4.35 5.04
C ARG A 38 2.65 -5.44 4.96
N ALA A 39 3.61 -5.38 5.88
CA ALA A 39 4.68 -6.37 5.93
C ALA A 39 4.16 -7.74 6.33
N GLY A 1 16.81 -0.57 -4.76
CA GLY A 1 15.62 -1.05 -5.50
C GLY A 1 14.51 -0.03 -5.54
N SER A 2 13.28 -0.49 -5.84
CA SER A 2 12.14 0.40 -5.91
C SER A 2 10.88 -0.31 -5.42
N CYS A 3 10.38 0.10 -4.27
CA CYS A 3 9.18 -0.50 -3.69
C CYS A 3 8.45 0.51 -2.80
N VAL A 4 7.23 0.16 -2.42
CA VAL A 4 6.43 1.03 -1.56
C VAL A 4 6.69 0.72 -0.08
N PRO A 5 6.94 1.75 0.75
CA PRO A 5 7.19 1.53 2.17
C PRO A 5 5.95 1.00 2.89
N VAL A 6 6.14 0.01 3.76
CA VAL A 6 5.05 -0.56 4.51
C VAL A 6 4.35 0.51 5.32
N ASP A 7 3.05 0.33 5.52
CA ASP A 7 2.23 1.28 6.24
C ASP A 7 1.96 2.53 5.37
N GLN A 8 2.40 2.49 4.11
CA GLN A 8 2.18 3.61 3.21
C GLN A 8 1.25 3.21 2.07
N PRO A 9 0.53 4.18 1.45
CA PRO A 9 -0.39 3.89 0.36
C PRO A 9 0.30 3.37 -0.89
N CYS A 10 -0.35 2.42 -1.53
CA CYS A 10 0.15 1.82 -2.77
C CYS A 10 -0.94 1.77 -3.83
N SER A 11 -0.59 1.21 -4.98
CA SER A 11 -1.54 1.10 -6.09
C SER A 11 -1.39 -0.26 -6.78
N LEU A 12 -2.44 -0.69 -7.46
CA LEU A 12 -2.43 -1.97 -8.17
C LEU A 12 -1.62 -1.89 -9.47
N ASN A 13 -1.34 -0.67 -9.95
CA ASN A 13 -0.59 -0.48 -11.18
C ASN A 13 0.81 0.08 -10.89
N THR A 14 1.22 0.11 -9.62
CA THR A 14 2.52 0.63 -9.25
C THR A 14 3.43 -0.49 -8.76
N GLN A 15 4.63 -0.12 -8.33
CA GLN A 15 5.59 -1.09 -7.83
C GLN A 15 5.09 -1.76 -6.54
N PRO A 16 5.59 -2.97 -6.23
CA PRO A 16 5.17 -3.70 -5.03
C PRO A 16 5.59 -2.98 -3.75
N CYS A 17 5.31 -3.59 -2.61
CA CYS A 17 5.66 -3.01 -1.32
C CYS A 17 7.06 -3.43 -0.89
N CYS A 18 7.49 -2.89 0.24
CA CYS A 18 8.81 -3.19 0.80
C CYS A 18 8.71 -4.15 1.97
N ASP A 19 9.85 -4.70 2.38
CA ASP A 19 9.89 -5.64 3.50
C ASP A 19 8.92 -6.80 3.28
N ASP A 20 8.72 -7.16 2.01
CA ASP A 20 7.83 -8.25 1.66
C ASP A 20 6.38 -7.93 2.03
N ALA A 21 6.01 -6.66 1.88
CA ALA A 21 4.65 -6.22 2.19
C ALA A 21 3.70 -6.54 1.05
N THR A 22 2.42 -6.29 1.28
CA THR A 22 1.40 -6.54 0.27
C THR A 22 0.43 -5.37 0.18
N CYS A 23 0.03 -5.03 -1.03
CA CYS A 23 -0.90 -3.94 -1.26
C CYS A 23 -2.33 -4.40 -0.96
N THR A 24 -2.93 -3.86 0.09
CA THR A 24 -4.26 -4.24 0.50
C THR A 24 -5.22 -3.05 0.54
N GLN A 25 -6.50 -3.35 0.41
CA GLN A 25 -7.56 -2.36 0.47
C GLN A 25 -7.78 -1.91 1.91
N GLU A 26 -7.78 -0.61 2.13
CA GLU A 26 -7.99 -0.06 3.47
C GLU A 26 -8.84 1.20 3.42
N ARG A 27 -9.03 1.83 4.58
CA ARG A 27 -9.82 3.04 4.67
C ARG A 27 -8.98 4.21 5.17
N ASN A 28 -9.19 5.39 4.59
CA ASN A 28 -8.45 6.57 4.98
C ASN A 28 -9.20 7.37 6.05
N GLU A 29 -8.67 8.55 6.38
CA GLU A 29 -9.29 9.40 7.37
C GLU A 29 -10.68 9.87 6.92
N ASN A 30 -10.84 10.02 5.60
CA ASN A 30 -12.11 10.46 5.04
C ASN A 30 -13.13 9.33 5.08
N GLY A 31 -12.65 8.10 5.01
CA GLY A 31 -13.55 6.95 5.04
C GLY A 31 -13.74 6.31 3.67
N HIS A 32 -12.91 6.70 2.70
CA HIS A 32 -13.00 6.12 1.36
C HIS A 32 -12.03 4.97 1.20
N THR A 33 -12.32 4.06 0.26
CA THR A 33 -11.46 2.92 0.03
C THR A 33 -10.13 3.35 -0.57
N VAL A 34 -9.05 2.76 -0.07
CA VAL A 34 -7.71 3.07 -0.54
C VAL A 34 -6.84 1.83 -0.54
N TYR A 35 -5.62 1.97 -1.05
CA TYR A 35 -4.68 0.86 -1.12
C TYR A 35 -3.45 1.16 -0.27
N TYR A 36 -3.14 0.26 0.67
CA TYR A 36 -1.99 0.45 1.54
C TYR A 36 -1.07 -0.77 1.56
N CYS A 37 0.14 -0.57 2.05
CA CYS A 37 1.13 -1.65 2.13
C CYS A 37 1.21 -2.20 3.55
N ARG A 38 1.21 -3.52 3.66
CA ARG A 38 1.28 -4.18 4.96
C ARG A 38 2.37 -5.26 4.97
N ALA A 39 3.26 -5.17 5.94
CA ALA A 39 4.35 -6.13 6.06
C ALA A 39 3.83 -7.49 6.48
N GLY A 1 16.75 -0.53 -5.71
CA GLY A 1 15.46 -1.14 -5.32
C GLY A 1 14.32 -0.14 -5.31
N SER A 2 13.22 -0.50 -5.98
CA SER A 2 12.05 0.38 -6.06
C SER A 2 10.81 -0.34 -5.55
N CYS A 3 10.34 0.06 -4.37
CA CYS A 3 9.16 -0.53 -3.77
C CYS A 3 8.44 0.47 -2.87
N VAL A 4 7.23 0.13 -2.45
CA VAL A 4 6.45 0.98 -1.59
C VAL A 4 6.73 0.67 -0.11
N PRO A 5 6.99 1.69 0.73
CA PRO A 5 7.27 1.46 2.14
C PRO A 5 6.04 0.93 2.88
N VAL A 6 6.24 -0.04 3.75
CA VAL A 6 5.16 -0.62 4.52
C VAL A 6 4.47 0.45 5.34
N ASP A 7 3.18 0.26 5.57
CA ASP A 7 2.37 1.23 6.30
C ASP A 7 2.11 2.46 5.45
N GLN A 8 2.52 2.44 4.16
CA GLN A 8 2.28 3.57 3.28
C GLN A 8 1.33 3.18 2.16
N PRO A 9 0.62 4.15 1.57
CA PRO A 9 -0.34 3.87 0.49
C PRO A 9 0.33 3.36 -0.78
N CYS A 10 -0.33 2.42 -1.43
CA CYS A 10 0.16 1.83 -2.67
C CYS A 10 -0.94 1.81 -3.72
N SER A 11 -0.62 1.27 -4.89
CA SER A 11 -1.57 1.19 -5.98
C SER A 11 -1.43 -0.15 -6.72
N LEU A 12 -2.48 -0.52 -7.45
CA LEU A 12 -2.47 -1.77 -8.21
C LEU A 12 -1.67 -1.64 -9.51
N ASN A 13 -1.37 -0.41 -9.92
CA ASN A 13 -0.62 -0.19 -11.15
C ASN A 13 0.80 0.34 -10.85
N THR A 14 1.21 0.29 -9.58
CA THR A 14 2.53 0.77 -9.20
C THR A 14 3.41 -0.39 -8.75
N GLN A 15 4.62 -0.05 -8.29
CA GLN A 15 5.56 -1.06 -7.83
C GLN A 15 5.07 -1.74 -6.54
N PRO A 16 5.53 -2.97 -6.26
CA PRO A 16 5.11 -3.70 -5.06
C PRO A 16 5.57 -3.00 -3.78
N CYS A 17 5.29 -3.62 -2.64
CA CYS A 17 5.67 -3.04 -1.35
C CYS A 17 7.07 -3.47 -0.95
N CYS A 18 7.53 -2.95 0.18
CA CYS A 18 8.86 -3.24 0.69
C CYS A 18 8.78 -4.22 1.85
N ASP A 19 9.93 -4.78 2.24
CA ASP A 19 9.98 -5.74 3.33
C ASP A 19 9.02 -6.90 3.11
N ASP A 20 8.78 -7.23 1.85
CA ASP A 20 7.88 -8.31 1.49
C ASP A 20 6.45 -8.00 1.90
N ALA A 21 6.07 -6.72 1.78
CA ALA A 21 4.73 -6.29 2.13
C ALA A 21 3.74 -6.60 1.00
N THR A 22 2.47 -6.31 1.25
CA THR A 22 1.44 -6.55 0.25
C THR A 22 0.46 -5.38 0.20
N CYS A 23 0.04 -5.02 -1.00
CA CYS A 23 -0.91 -3.93 -1.18
C CYS A 23 -2.33 -4.41 -0.84
N THR A 24 -2.88 -3.87 0.23
CA THR A 24 -4.22 -4.26 0.68
C THR A 24 -5.17 -3.08 0.73
N GLN A 25 -6.45 -3.39 0.64
CA GLN A 25 -7.51 -2.40 0.69
C GLN A 25 -7.72 -1.94 2.14
N GLU A 26 -7.76 -0.64 2.33
CA GLU A 26 -7.96 -0.06 3.66
C GLU A 26 -8.82 1.19 3.60
N ARG A 27 -9.01 1.83 4.74
CA ARG A 27 -9.81 3.04 4.83
C ARG A 27 -8.95 4.25 5.18
N ASN A 28 -9.35 5.42 4.69
CA ASN A 28 -8.61 6.65 4.96
C ASN A 28 -9.38 7.55 5.93
N GLU A 29 -8.85 8.75 6.16
CA GLU A 29 -9.48 9.70 7.06
C GLU A 29 -10.84 10.12 6.53
N ASN A 30 -10.99 10.14 5.21
CA ASN A 30 -12.25 10.54 4.59
C ASN A 30 -13.27 9.42 4.67
N GLY A 31 -12.80 8.18 4.70
CA GLY A 31 -13.70 7.04 4.77
C GLY A 31 -13.83 6.28 3.46
N HIS A 32 -13.10 6.72 2.43
CA HIS A 32 -13.16 6.06 1.13
C HIS A 32 -12.17 4.90 1.07
N THR A 33 -12.42 3.96 0.18
CA THR A 33 -11.54 2.81 0.02
C THR A 33 -10.17 3.22 -0.52
N VAL A 34 -9.12 2.74 0.11
CA VAL A 34 -7.76 3.05 -0.30
C VAL A 34 -6.90 1.80 -0.33
N TYR A 35 -5.66 1.95 -0.80
CA TYR A 35 -4.73 0.83 -0.87
C TYR A 35 -3.46 1.14 -0.09
N TYR A 36 -3.09 0.25 0.84
CA TYR A 36 -1.89 0.46 1.65
C TYR A 36 -1.00 -0.78 1.66
N CYS A 37 0.23 -0.59 2.12
CA CYS A 37 1.20 -1.68 2.19
C CYS A 37 1.31 -2.24 3.60
N ARG A 38 1.28 -3.56 3.71
CA ARG A 38 1.36 -4.23 5.00
C ARG A 38 2.40 -5.35 4.97
N ALA A 39 3.31 -5.34 5.93
CA ALA A 39 4.35 -6.35 6.02
C ALA A 39 3.77 -7.68 6.45
N GLY A 1 16.78 -0.60 -6.01
CA GLY A 1 15.39 -0.97 -6.36
C GLY A 1 14.39 0.06 -5.90
N SER A 2 13.13 -0.14 -6.26
CA SER A 2 12.06 0.79 -5.88
C SER A 2 10.82 0.03 -5.42
N CYS A 3 10.32 0.38 -4.24
CA CYS A 3 9.14 -0.26 -3.67
C CYS A 3 8.40 0.69 -2.75
N VAL A 4 7.18 0.31 -2.37
CA VAL A 4 6.36 1.13 -1.49
C VAL A 4 6.65 0.77 -0.02
N PRO A 5 6.89 1.78 0.84
CA PRO A 5 7.16 1.52 2.26
C PRO A 5 5.95 0.96 2.98
N VAL A 6 6.17 -0.04 3.82
CA VAL A 6 5.08 -0.65 4.57
C VAL A 6 4.39 0.40 5.41
N ASP A 7 3.09 0.20 5.63
CA ASP A 7 2.28 1.14 6.38
C ASP A 7 1.98 2.39 5.56
N GLN A 8 2.40 2.39 4.27
CA GLN A 8 2.15 3.53 3.41
C GLN A 8 1.21 3.14 2.26
N PRO A 9 0.49 4.10 1.68
CA PRO A 9 -0.45 3.82 0.59
C PRO A 9 0.22 3.35 -0.68
N CYS A 10 -0.42 2.40 -1.34
CA CYS A 10 0.07 1.84 -2.59
C CYS A 10 -1.05 1.79 -3.64
N SER A 11 -0.74 1.27 -4.80
CA SER A 11 -1.71 1.16 -5.89
C SER A 11 -1.52 -0.13 -6.67
N LEU A 12 -2.60 -0.63 -7.24
CA LEU A 12 -2.56 -1.87 -8.02
C LEU A 12 -1.75 -1.69 -9.31
N ASN A 13 -1.58 -0.45 -9.75
CA ASN A 13 -0.83 -0.18 -10.98
C ASN A 13 0.54 0.44 -10.67
N THR A 14 0.95 0.44 -9.40
CA THR A 14 2.24 0.99 -9.01
C THR A 14 3.19 -0.12 -8.58
N GLN A 15 4.38 0.28 -8.14
CA GLN A 15 5.39 -0.67 -7.71
C GLN A 15 4.92 -1.43 -6.47
N PRO A 16 5.46 -2.64 -6.23
CA PRO A 16 5.08 -3.46 -5.06
C PRO A 16 5.51 -2.79 -3.76
N CYS A 17 5.26 -3.47 -2.64
CA CYS A 17 5.62 -2.94 -1.34
C CYS A 17 7.03 -3.35 -0.95
N CYS A 18 7.49 -2.85 0.19
CA CYS A 18 8.83 -3.14 0.70
C CYS A 18 8.77 -4.16 1.83
N ASP A 19 9.92 -4.71 2.18
CA ASP A 19 10.00 -5.70 3.26
C ASP A 19 9.04 -6.87 3.00
N ASP A 20 8.80 -7.16 1.73
CA ASP A 20 7.90 -8.25 1.34
C ASP A 20 6.47 -7.96 1.79
N ALA A 21 6.08 -6.69 1.71
CA ALA A 21 4.73 -6.28 2.09
C ALA A 21 3.73 -6.59 0.98
N THR A 22 2.47 -6.33 1.25
CA THR A 22 1.42 -6.58 0.27
C THR A 22 0.44 -5.42 0.23
N CYS A 23 0.00 -5.05 -0.97
CA CYS A 23 -0.94 -3.97 -1.15
C CYS A 23 -2.35 -4.47 -0.85
N THR A 24 -2.94 -3.96 0.24
CA THR A 24 -4.28 -4.38 0.64
C THR A 24 -5.26 -3.21 0.72
N GLN A 25 -6.53 -3.54 0.60
CA GLN A 25 -7.61 -2.55 0.68
C GLN A 25 -7.82 -2.13 2.13
N GLU A 26 -7.91 -0.82 2.35
CA GLU A 26 -8.11 -0.28 3.69
C GLU A 26 -8.86 1.04 3.62
N ARG A 27 -9.12 1.63 4.79
CA ARG A 27 -9.83 2.90 4.86
C ARG A 27 -8.88 4.05 5.15
N ASN A 28 -9.15 5.21 4.57
CA ASN A 28 -8.31 6.39 4.78
C ASN A 28 -8.99 7.39 5.71
N GLU A 29 -8.36 8.55 5.88
CA GLU A 29 -8.90 9.59 6.74
C GLU A 29 -10.20 10.15 6.16
N ASN A 30 -10.32 10.14 4.84
CA ASN A 30 -11.51 10.64 4.17
C ASN A 30 -12.67 9.66 4.32
N GLY A 31 -12.35 8.38 4.43
CA GLY A 31 -13.39 7.37 4.57
C GLY A 31 -13.63 6.56 3.31
N HIS A 32 -12.82 6.80 2.27
CA HIS A 32 -12.98 6.08 1.01
C HIS A 32 -12.03 4.88 0.96
N THR A 33 -12.36 3.89 0.13
CA THR A 33 -11.53 2.70 0.01
C THR A 33 -10.19 3.04 -0.64
N VAL A 34 -9.11 2.61 0.01
CA VAL A 34 -7.76 2.85 -0.48
C VAL A 34 -6.92 1.60 -0.37
N TYR A 35 -5.71 1.66 -0.92
CA TYR A 35 -4.80 0.53 -0.88
C TYR A 35 -3.53 0.89 -0.11
N TYR A 36 -3.19 0.08 0.89
CA TYR A 36 -2.00 0.32 1.71
C TYR A 36 -1.07 -0.88 1.70
N CYS A 37 0.16 -0.66 2.18
CA CYS A 37 1.17 -1.72 2.23
C CYS A 37 1.27 -2.29 3.64
N ARG A 38 1.28 -3.62 3.72
CA ARG A 38 1.37 -4.30 5.01
C ARG A 38 2.47 -5.37 4.97
N ALA A 39 3.36 -5.30 5.95
CA ALA A 39 4.46 -6.26 6.05
C ALA A 39 3.95 -7.63 6.47
N GLY A 1 14.88 -1.71 -8.55
CA GLY A 1 15.24 -1.47 -7.13
C GLY A 1 14.37 -0.42 -6.48
N SER A 2 13.06 -0.60 -6.57
CA SER A 2 12.11 0.35 -5.98
C SER A 2 10.86 -0.37 -5.48
N CYS A 3 10.38 0.05 -4.32
CA CYS A 3 9.18 -0.55 -3.74
C CYS A 3 8.46 0.45 -2.85
N VAL A 4 7.23 0.11 -2.46
CA VAL A 4 6.44 0.98 -1.60
C VAL A 4 6.72 0.68 -0.12
N PRO A 5 6.97 1.70 0.71
CA PRO A 5 7.23 1.49 2.13
C PRO A 5 6.00 0.96 2.86
N VAL A 6 6.20 -0.03 3.73
CA VAL A 6 5.12 -0.60 4.49
C VAL A 6 4.43 0.47 5.32
N ASP A 7 3.14 0.29 5.53
CA ASP A 7 2.33 1.24 6.26
C ASP A 7 2.05 2.49 5.42
N GLN A 8 2.47 2.47 4.14
CA GLN A 8 2.24 3.60 3.25
C GLN A 8 1.30 3.20 2.13
N PRO A 9 0.57 4.17 1.53
CA PRO A 9 -0.37 3.89 0.45
C PRO A 9 0.30 3.38 -0.82
N CYS A 10 -0.34 2.43 -1.46
CA CYS A 10 0.16 1.85 -2.71
C CYS A 10 -0.93 1.85 -3.77
N SER A 11 -0.60 1.31 -4.94
CA SER A 11 -1.55 1.23 -6.04
C SER A 11 -1.43 -0.11 -6.77
N LEU A 12 -2.47 -0.47 -7.51
CA LEU A 12 -2.49 -1.73 -8.25
C LEU A 12 -1.66 -1.63 -9.55
N ASN A 13 -1.35 -0.41 -9.96
CA ASN A 13 -0.57 -0.21 -11.18
C ASN A 13 0.84 0.30 -10.88
N THR A 14 1.23 0.29 -9.61
CA THR A 14 2.56 0.74 -9.22
C THR A 14 3.43 -0.41 -8.77
N GLN A 15 4.63 -0.09 -8.28
CA GLN A 15 5.57 -1.09 -7.81
C GLN A 15 5.07 -1.77 -6.54
N PRO A 16 5.54 -3.00 -6.24
CA PRO A 16 5.12 -3.72 -5.03
C PRO A 16 5.56 -3.01 -3.76
N CYS A 17 5.29 -3.63 -2.61
CA CYS A 17 5.66 -3.05 -1.33
C CYS A 17 7.07 -3.47 -0.92
N CYS A 18 7.51 -2.94 0.21
CA CYS A 18 8.84 -3.23 0.73
C CYS A 18 8.76 -4.21 1.91
N ASP A 19 9.90 -4.76 2.28
CA ASP A 19 9.95 -5.72 3.39
C ASP A 19 8.98 -6.87 3.17
N ASP A 20 8.75 -7.22 1.91
CA ASP A 20 7.85 -8.29 1.56
C ASP A 20 6.41 -7.96 1.95
N ALA A 21 6.05 -6.69 1.82
CA ALA A 21 4.70 -6.25 2.16
C ALA A 21 3.73 -6.56 1.02
N THR A 22 2.45 -6.27 1.25
CA THR A 22 1.43 -6.50 0.25
C THR A 22 0.44 -5.34 0.20
N CYS A 23 0.01 -4.99 -1.01
CA CYS A 23 -0.94 -3.90 -1.20
C CYS A 23 -2.35 -4.39 -0.88
N THR A 24 -2.92 -3.87 0.19
CA THR A 24 -4.26 -4.27 0.62
C THR A 24 -5.22 -3.09 0.69
N GLN A 25 -6.50 -3.42 0.59
CA GLN A 25 -7.57 -2.43 0.66
C GLN A 25 -7.79 -1.99 2.11
N GLU A 26 -7.84 -0.69 2.32
CA GLU A 26 -8.03 -0.13 3.65
C GLU A 26 -8.86 1.15 3.58
N ARG A 27 -9.08 1.77 4.74
CA ARG A 27 -9.86 2.99 4.82
C ARG A 27 -8.98 4.17 5.23
N ASN A 28 -9.29 5.35 4.70
CA ASN A 28 -8.53 6.56 5.02
C ASN A 28 -9.30 7.44 6.00
N GLU A 29 -8.77 8.64 6.24
CA GLU A 29 -9.41 9.58 7.15
C GLU A 29 -10.76 10.03 6.61
N ASN A 30 -10.87 10.15 5.30
CA ASN A 30 -12.10 10.58 4.66
C ASN A 30 -13.16 9.48 4.74
N GLY A 31 -12.71 8.23 4.76
CA GLY A 31 -13.64 7.12 4.84
C GLY A 31 -13.83 6.41 3.50
N HIS A 32 -12.95 6.70 2.53
CA HIS A 32 -13.04 6.07 1.22
C HIS A 32 -12.08 4.90 1.12
N THR A 33 -12.37 3.96 0.23
CA THR A 33 -11.52 2.80 0.05
C THR A 33 -10.17 3.19 -0.56
N VAL A 34 -9.09 2.68 0.03
CA VAL A 34 -7.76 2.98 -0.44
C VAL A 34 -6.89 1.72 -0.40
N TYR A 35 -5.68 1.81 -0.93
CA TYR A 35 -4.75 0.69 -0.94
C TYR A 35 -3.47 1.03 -0.19
N TYR A 36 -3.14 0.21 0.80
CA TYR A 36 -1.93 0.44 1.60
C TYR A 36 -1.03 -0.78 1.62
N CYS A 37 0.19 -0.59 2.10
CA CYS A 37 1.18 -1.66 2.17
C CYS A 37 1.28 -2.21 3.58
N ARG A 38 1.28 -3.54 3.70
CA ARG A 38 1.35 -4.19 5.00
C ARG A 38 2.43 -5.27 4.99
N ALA A 39 3.32 -5.21 5.98
CA ALA A 39 4.39 -6.18 6.09
C ALA A 39 3.86 -7.55 6.50
N GLY A 1 16.22 -1.69 -5.25
CA GLY A 1 15.47 -1.13 -6.42
C GLY A 1 14.47 -0.07 -6.01
N SER A 2 13.20 -0.34 -6.23
CA SER A 2 12.14 0.59 -5.89
C SER A 2 10.89 -0.14 -5.40
N CYS A 3 10.40 0.25 -4.23
CA CYS A 3 9.22 -0.37 -3.66
C CYS A 3 8.48 0.60 -2.75
N VAL A 4 7.26 0.25 -2.37
CA VAL A 4 6.44 1.09 -1.51
C VAL A 4 6.70 0.74 -0.04
N PRO A 5 6.95 1.76 0.83
CA PRO A 5 7.20 1.51 2.24
C PRO A 5 5.96 0.97 2.95
N VAL A 6 6.17 -0.04 3.81
CA VAL A 6 5.06 -0.62 4.55
C VAL A 6 4.36 0.44 5.37
N ASP A 7 3.06 0.24 5.56
CA ASP A 7 2.24 1.19 6.29
C ASP A 7 1.96 2.43 5.44
N GLN A 8 2.41 2.43 4.18
CA GLN A 8 2.18 3.57 3.29
C GLN A 8 1.26 3.17 2.15
N PRO A 9 0.55 4.14 1.55
CA PRO A 9 -0.38 3.87 0.45
C PRO A 9 0.30 3.37 -0.82
N CYS A 10 -0.35 2.43 -1.47
CA CYS A 10 0.15 1.85 -2.71
C CYS A 10 -0.96 1.79 -3.75
N SER A 11 -0.64 1.24 -4.91
CA SER A 11 -1.61 1.12 -5.99
C SER A 11 -1.48 -0.23 -6.69
N LEU A 12 -2.57 -0.70 -7.28
CA LEU A 12 -2.57 -1.98 -7.98
C LEU A 12 -1.72 -1.92 -9.25
N ASN A 13 -1.54 -0.71 -9.79
CA ASN A 13 -0.75 -0.54 -11.01
C ASN A 13 0.62 0.10 -10.71
N THR A 14 0.98 0.21 -9.44
CA THR A 14 2.25 0.80 -9.04
C THR A 14 3.23 -0.28 -8.61
N GLN A 15 4.41 0.15 -8.18
CA GLN A 15 5.45 -0.77 -7.73
C GLN A 15 4.99 -1.53 -6.48
N PRO A 16 5.55 -2.74 -6.24
CA PRO A 16 5.20 -3.54 -5.07
C PRO A 16 5.60 -2.85 -3.77
N CYS A 17 5.34 -3.52 -2.64
CA CYS A 17 5.68 -2.96 -1.34
C CYS A 17 7.08 -3.38 -0.92
N CYS A 18 7.53 -2.87 0.22
CA CYS A 18 8.84 -3.17 0.76
C CYS A 18 8.75 -4.16 1.91
N ASP A 19 9.89 -4.71 2.31
CA ASP A 19 9.93 -5.68 3.40
C ASP A 19 8.97 -6.84 3.16
N ASP A 20 8.76 -7.17 1.89
CA ASP A 20 7.86 -8.25 1.52
C ASP A 20 6.43 -7.93 1.92
N ALA A 21 6.05 -6.67 1.79
CA ALA A 21 4.70 -6.22 2.14
C ALA A 21 3.72 -6.54 1.01
N THR A 22 2.44 -6.29 1.26
CA THR A 22 1.41 -6.54 0.27
C THR A 22 0.44 -5.37 0.19
N CYS A 23 0.03 -5.02 -1.02
CA CYS A 23 -0.92 -3.93 -1.23
C CYS A 23 -2.34 -4.41 -0.94
N THR A 24 -2.94 -3.89 0.13
CA THR A 24 -4.28 -4.30 0.52
C THR A 24 -5.23 -3.11 0.61
N GLN A 25 -6.51 -3.42 0.48
CA GLN A 25 -7.57 -2.42 0.56
C GLN A 25 -7.77 -2.00 2.02
N GLU A 26 -7.91 -0.69 2.23
CA GLU A 26 -8.10 -0.15 3.56
C GLU A 26 -8.90 1.15 3.50
N ARG A 27 -9.12 1.75 4.67
CA ARG A 27 -9.88 3.01 4.74
C ARG A 27 -8.98 4.16 5.18
N ASN A 28 -9.20 5.33 4.60
CA ASN A 28 -8.40 6.50 4.94
C ASN A 28 -9.15 7.40 5.92
N GLU A 29 -8.55 8.54 6.25
CA GLU A 29 -9.16 9.49 7.17
C GLU A 29 -10.49 9.99 6.63
N ASN A 30 -10.61 10.08 5.31
CA ASN A 30 -11.83 10.55 4.68
C ASN A 30 -12.91 9.46 4.72
N GLY A 31 -12.49 8.21 4.72
CA GLY A 31 -13.44 7.11 4.76
C GLY A 31 -13.59 6.38 3.43
N HIS A 32 -12.86 6.83 2.41
CA HIS A 32 -12.93 6.21 1.10
C HIS A 32 -11.98 5.01 1.01
N THR A 33 -12.31 4.05 0.15
CA THR A 33 -11.48 2.86 -0.01
C THR A 33 -10.14 3.21 -0.65
N VAL A 34 -9.07 2.71 -0.05
CA VAL A 34 -7.73 2.96 -0.55
C VAL A 34 -6.88 1.70 -0.49
N TYR A 35 -5.67 1.78 -1.03
CA TYR A 35 -4.76 0.64 -1.02
C TYR A 35 -3.49 0.98 -0.25
N TYR A 36 -3.16 0.16 0.75
CA TYR A 36 -1.97 0.40 1.57
C TYR A 36 -1.05 -0.81 1.58
N CYS A 37 0.17 -0.61 2.07
CA CYS A 37 1.16 -1.69 2.14
C CYS A 37 1.24 -2.24 3.56
N ARG A 38 1.27 -3.58 3.65
CA ARG A 38 1.34 -4.24 4.94
C ARG A 38 2.43 -5.31 4.92
N ALA A 39 3.31 -5.25 5.92
CA ALA A 39 4.40 -6.21 6.02
C ALA A 39 3.88 -7.61 6.34
N GLY A 1 16.28 -1.25 -3.99
CA GLY A 1 15.18 -1.52 -4.96
C GLY A 1 14.01 -0.58 -4.80
N SER A 2 13.32 -0.29 -5.90
CA SER A 2 12.17 0.61 -5.88
C SER A 2 10.92 -0.13 -5.42
N CYS A 3 10.40 0.23 -4.25
CA CYS A 3 9.21 -0.39 -3.71
C CYS A 3 8.47 0.57 -2.79
N VAL A 4 7.25 0.21 -2.41
CA VAL A 4 6.44 1.04 -1.55
C VAL A 4 6.72 0.70 -0.08
N PRO A 5 6.98 1.72 0.79
CA PRO A 5 7.25 1.46 2.20
C PRO A 5 6.03 0.93 2.92
N VAL A 6 6.24 -0.06 3.78
CA VAL A 6 5.15 -0.66 4.54
C VAL A 6 4.47 0.41 5.37
N ASP A 7 3.17 0.23 5.60
CA ASP A 7 2.37 1.18 6.34
C ASP A 7 2.09 2.43 5.49
N GLN A 8 2.50 2.41 4.21
CA GLN A 8 2.26 3.54 3.33
C GLN A 8 1.31 3.13 2.20
N PRO A 9 0.59 4.10 1.60
CA PRO A 9 -0.36 3.81 0.53
C PRO A 9 0.31 3.32 -0.75
N CYS A 10 -0.35 2.37 -1.39
CA CYS A 10 0.15 1.79 -2.63
C CYS A 10 -0.97 1.76 -3.68
N SER A 11 -0.66 1.21 -4.84
CA SER A 11 -1.63 1.11 -5.93
C SER A 11 -1.45 -0.18 -6.71
N LEU A 12 -2.53 -0.64 -7.33
CA LEU A 12 -2.48 -1.87 -8.12
C LEU A 12 -1.67 -1.69 -9.40
N ASN A 13 -1.42 -0.44 -9.80
CA ASN A 13 -0.66 -0.16 -11.00
C ASN A 13 0.75 0.36 -10.69
N THR A 14 1.03 0.61 -9.40
CA THR A 14 2.34 1.11 -9.00
C THR A 14 3.26 -0.04 -8.62
N GLN A 15 4.44 0.30 -8.11
CA GLN A 15 5.41 -0.69 -7.70
C GLN A 15 4.95 -1.46 -6.46
N PRO A 16 5.44 -2.69 -6.25
CA PRO A 16 5.06 -3.51 -5.09
C PRO A 16 5.50 -2.85 -3.79
N CYS A 17 5.26 -3.55 -2.67
CA CYS A 17 5.64 -3.02 -1.36
C CYS A 17 7.05 -3.44 -0.98
N CYS A 18 7.50 -2.95 0.17
CA CYS A 18 8.84 -3.24 0.67
C CYS A 18 8.79 -4.27 1.79
N ASP A 19 9.94 -4.84 2.13
CA ASP A 19 10.02 -5.83 3.20
C ASP A 19 9.05 -6.99 2.95
N ASP A 20 8.79 -7.27 1.68
CA ASP A 20 7.89 -8.35 1.30
C ASP A 20 6.46 -8.05 1.75
N ALA A 21 6.07 -6.78 1.67
CA ALA A 21 4.74 -6.36 2.07
C ALA A 21 3.73 -6.65 0.96
N THR A 22 2.46 -6.38 1.23
CA THR A 22 1.41 -6.61 0.26
C THR A 22 0.43 -5.44 0.24
N CYS A 23 -0.01 -5.07 -0.96
CA CYS A 23 -0.95 -3.97 -1.11
C CYS A 23 -2.37 -4.44 -0.77
N THR A 24 -2.91 -3.94 0.33
CA THR A 24 -4.24 -4.34 0.78
C THR A 24 -5.21 -3.16 0.84
N GLN A 25 -6.49 -3.49 0.75
CA GLN A 25 -7.55 -2.50 0.81
C GLN A 25 -7.73 -2.01 2.25
N GLU A 26 -7.88 -0.71 2.41
CA GLU A 26 -8.07 -0.11 3.72
C GLU A 26 -8.88 1.17 3.62
N ARG A 27 -9.07 1.83 4.76
CA ARG A 27 -9.84 3.08 4.81
C ARG A 27 -8.93 4.26 5.14
N ASN A 28 -9.30 5.44 4.64
CA ASN A 28 -8.53 6.65 4.88
C ASN A 28 -9.28 7.61 5.79
N GLU A 29 -8.74 8.81 5.97
CA GLU A 29 -9.36 9.82 6.82
C GLU A 29 -10.71 10.25 6.25
N ASN A 30 -10.80 10.28 4.91
CA ASN A 30 -12.03 10.67 4.24
C ASN A 30 -13.10 9.59 4.39
N GLY A 31 -12.66 8.34 4.51
CA GLY A 31 -13.60 7.24 4.65
C GLY A 31 -13.82 6.48 3.36
N HIS A 32 -12.93 6.68 2.38
CA HIS A 32 -13.03 5.99 1.10
C HIS A 32 -12.07 4.82 1.03
N THR A 33 -12.37 3.85 0.17
CA THR A 33 -11.52 2.68 0.03
C THR A 33 -10.17 3.06 -0.58
N VAL A 34 -9.10 2.59 0.05
CA VAL A 34 -7.75 2.87 -0.40
C VAL A 34 -6.88 1.62 -0.34
N TYR A 35 -5.66 1.72 -0.85
CA TYR A 35 -4.74 0.59 -0.84
C TYR A 35 -3.47 0.95 -0.09
N TYR A 36 -3.13 0.12 0.91
CA TYR A 36 -1.93 0.37 1.71
C TYR A 36 -1.00 -0.85 1.70
N CYS A 37 0.23 -0.64 2.16
CA CYS A 37 1.22 -1.72 2.22
C CYS A 37 1.34 -2.28 3.62
N ARG A 38 1.31 -3.60 3.73
CA ARG A 38 1.41 -4.28 5.02
C ARG A 38 2.46 -5.37 4.98
N ALA A 39 3.39 -5.32 5.92
CA ALA A 39 4.46 -6.30 6.00
C ALA A 39 3.91 -7.68 6.36
N GLY A 1 15.99 -0.62 -8.58
CA GLY A 1 14.62 -1.05 -8.19
C GLY A 1 14.00 -0.16 -7.13
N SER A 2 12.69 -0.25 -6.96
CA SER A 2 11.98 0.55 -5.98
C SER A 2 10.75 -0.18 -5.45
N CYS A 3 10.29 0.22 -4.28
CA CYS A 3 9.12 -0.40 -3.66
C CYS A 3 8.40 0.59 -2.76
N VAL A 4 7.17 0.24 -2.38
CA VAL A 4 6.37 1.08 -1.52
C VAL A 4 6.65 0.77 -0.04
N PRO A 5 6.89 1.79 0.80
CA PRO A 5 7.17 1.56 2.22
C PRO A 5 5.94 1.02 2.96
N VAL A 6 6.16 0.04 3.83
CA VAL A 6 5.07 -0.55 4.58
C VAL A 6 4.37 0.52 5.41
N ASP A 7 3.09 0.31 5.64
CA ASP A 7 2.28 1.26 6.37
C ASP A 7 1.99 2.50 5.52
N GLN A 8 2.40 2.47 4.23
CA GLN A 8 2.15 3.60 3.35
C GLN A 8 1.22 3.18 2.21
N PRO A 9 0.49 4.14 1.61
CA PRO A 9 -0.44 3.83 0.52
C PRO A 9 0.24 3.36 -0.75
N CYS A 10 -0.38 2.39 -1.40
CA CYS A 10 0.13 1.83 -2.63
C CYS A 10 -0.95 1.80 -3.70
N SER A 11 -0.62 1.27 -4.86
CA SER A 11 -1.56 1.18 -5.97
C SER A 11 -1.46 -0.16 -6.67
N LEU A 12 -2.52 -0.54 -7.38
CA LEU A 12 -2.54 -1.81 -8.10
C LEU A 12 -1.74 -1.74 -9.40
N ASN A 13 -1.45 -0.53 -9.87
CA ASN A 13 -0.68 -0.35 -11.10
C ASN A 13 0.71 0.22 -10.83
N THR A 14 1.11 0.27 -9.56
CA THR A 14 2.42 0.79 -9.19
C THR A 14 3.34 -0.33 -8.71
N GLN A 15 4.53 0.04 -8.28
CA GLN A 15 5.51 -0.93 -7.80
C GLN A 15 5.01 -1.62 -6.53
N PRO A 16 5.50 -2.84 -6.23
CA PRO A 16 5.10 -3.59 -5.04
C PRO A 16 5.53 -2.89 -3.75
N CYS A 17 5.25 -3.53 -2.61
CA CYS A 17 5.62 -2.96 -1.32
C CYS A 17 7.04 -3.36 -0.94
N CYS A 18 7.48 -2.86 0.21
CA CYS A 18 8.81 -3.14 0.72
C CYS A 18 8.75 -4.17 1.85
N ASP A 19 9.90 -4.72 2.20
CA ASP A 19 9.98 -5.73 3.26
C ASP A 19 9.03 -6.89 3.00
N ASP A 20 8.80 -7.17 1.72
CA ASP A 20 7.90 -8.26 1.32
C ASP A 20 6.47 -7.97 1.76
N ALA A 21 6.08 -6.71 1.69
CA ALA A 21 4.73 -6.30 2.07
C ALA A 21 3.73 -6.60 0.96
N THR A 22 2.46 -6.34 1.22
CA THR A 22 1.41 -6.58 0.26
C THR A 22 0.42 -5.42 0.23
N CYS A 23 -0.01 -5.04 -0.98
CA CYS A 23 -0.95 -3.95 -1.14
C CYS A 23 -2.37 -4.44 -0.82
N THR A 24 -2.94 -3.95 0.27
CA THR A 24 -4.28 -4.37 0.68
C THR A 24 -5.25 -3.19 0.74
N GLN A 25 -6.53 -3.51 0.61
CA GLN A 25 -7.59 -2.53 0.66
C GLN A 25 -7.81 -2.07 2.10
N GLU A 26 -8.04 -0.78 2.26
CA GLU A 26 -8.26 -0.19 3.58
C GLU A 26 -9.04 1.11 3.47
N ARG A 27 -9.23 1.77 4.62
CA ARG A 27 -9.96 3.03 4.66
C ARG A 27 -9.05 4.17 5.13
N ASN A 28 -9.23 5.34 4.53
CA ASN A 28 -8.42 6.50 4.89
C ASN A 28 -9.16 7.41 5.87
N GLU A 29 -8.55 8.54 6.20
CA GLU A 29 -9.15 9.49 7.13
C GLU A 29 -10.48 10.01 6.57
N ASN A 30 -10.58 10.08 5.26
CA ASN A 30 -11.79 10.57 4.61
C ASN A 30 -12.88 9.50 4.63
N GLY A 31 -12.48 8.23 4.64
CA GLY A 31 -13.44 7.14 4.67
C GLY A 31 -13.55 6.40 3.35
N HIS A 32 -12.82 6.86 2.32
CA HIS A 32 -12.87 6.22 1.02
C HIS A 32 -11.92 5.02 0.98
N THR A 33 -12.26 4.03 0.16
CA THR A 33 -11.44 2.83 0.03
C THR A 33 -10.10 3.14 -0.63
N VAL A 34 -9.03 2.74 0.02
CA VAL A 34 -7.69 2.96 -0.50
C VAL A 34 -6.84 1.70 -0.38
N TYR A 35 -5.65 1.73 -0.95
CA TYR A 35 -4.76 0.59 -0.90
C TYR A 35 -3.49 0.93 -0.13
N TYR A 36 -3.18 0.12 0.88
CA TYR A 36 -1.99 0.35 1.71
C TYR A 36 -1.07 -0.85 1.71
N CYS A 37 0.17 -0.63 2.18
CA CYS A 37 1.17 -1.69 2.23
C CYS A 37 1.29 -2.26 3.65
N ARG A 38 1.26 -3.59 3.74
CA ARG A 38 1.36 -4.27 5.01
C ARG A 38 2.47 -5.32 4.99
N ALA A 39 3.40 -5.20 5.93
CA ALA A 39 4.52 -6.14 6.02
C ALA A 39 4.04 -7.51 6.50
N GLY A 1 15.66 -2.83 -6.87
CA GLY A 1 14.32 -2.47 -7.39
C GLY A 1 13.52 -1.61 -6.42
N SER A 2 12.88 -0.57 -6.93
CA SER A 2 12.08 0.33 -6.11
C SER A 2 10.84 -0.38 -5.58
N CYS A 3 10.38 0.03 -4.40
CA CYS A 3 9.20 -0.56 -3.79
C CYS A 3 8.50 0.44 -2.88
N VAL A 4 7.28 0.11 -2.48
CA VAL A 4 6.50 0.97 -1.61
C VAL A 4 6.78 0.65 -0.14
N PRO A 5 7.05 1.68 0.70
CA PRO A 5 7.33 1.44 2.12
C PRO A 5 6.10 0.92 2.85
N VAL A 6 6.31 -0.08 3.72
CA VAL A 6 5.22 -0.66 4.48
C VAL A 6 4.55 0.42 5.32
N ASP A 7 3.25 0.23 5.55
CA ASP A 7 2.46 1.19 6.30
C ASP A 7 2.19 2.43 5.46
N GLN A 8 2.59 2.42 4.17
CA GLN A 8 2.36 3.56 3.30
C GLN A 8 1.40 3.18 2.18
N PRO A 9 0.69 4.15 1.60
CA PRO A 9 -0.27 3.88 0.52
C PRO A 9 0.39 3.38 -0.76
N CYS A 10 -0.28 2.44 -1.40
CA CYS A 10 0.20 1.86 -2.65
C CYS A 10 -0.91 1.84 -3.70
N SER A 11 -0.61 1.30 -4.87
CA SER A 11 -1.58 1.23 -5.95
C SER A 11 -1.47 -0.10 -6.68
N LEU A 12 -2.58 -0.51 -7.29
CA LEU A 12 -2.61 -1.77 -8.03
C LEU A 12 -1.79 -1.69 -9.32
N ASN A 13 -1.52 -0.48 -9.79
CA ASN A 13 -0.75 -0.28 -11.01
C ASN A 13 0.65 0.28 -10.71
N THR A 14 1.03 0.31 -9.43
CA THR A 14 2.34 0.82 -9.04
C THR A 14 3.27 -0.31 -8.62
N GLN A 15 4.46 0.05 -8.18
CA GLN A 15 5.46 -0.93 -7.75
C GLN A 15 4.99 -1.67 -6.50
N PRO A 16 5.48 -2.89 -6.25
CA PRO A 16 5.11 -3.67 -5.07
C PRO A 16 5.55 -2.98 -3.79
N CYS A 17 5.31 -3.63 -2.65
CA CYS A 17 5.68 -3.07 -1.37
C CYS A 17 7.09 -3.50 -0.95
N CYS A 18 7.55 -2.97 0.16
CA CYS A 18 8.88 -3.28 0.68
C CYS A 18 8.79 -4.25 1.84
N ASP A 19 9.93 -4.82 2.22
CA ASP A 19 9.99 -5.77 3.33
C ASP A 19 9.02 -6.92 3.11
N ASP A 20 8.78 -7.26 1.85
CA ASP A 20 7.86 -8.35 1.50
C ASP A 20 6.44 -8.01 1.91
N ALA A 21 6.07 -6.74 1.78
CA ALA A 21 4.73 -6.29 2.14
C ALA A 21 3.74 -6.59 1.02
N THR A 22 2.47 -6.30 1.27
CA THR A 22 1.43 -6.53 0.28
C THR A 22 0.46 -5.36 0.23
N CYS A 23 0.03 -5.00 -0.97
CA CYS A 23 -0.90 -3.91 -1.16
C CYS A 23 -2.32 -4.37 -0.84
N THR A 24 -2.90 -3.86 0.24
CA THR A 24 -4.23 -4.25 0.65
C THR A 24 -5.20 -3.06 0.69
N GLN A 25 -6.47 -3.38 0.58
CA GLN A 25 -7.54 -2.38 0.62
C GLN A 25 -7.78 -1.93 2.06
N GLU A 26 -7.81 -0.63 2.28
CA GLU A 26 -8.04 -0.07 3.60
C GLU A 26 -8.89 1.18 3.52
N ARG A 27 -9.14 1.79 4.68
CA ARG A 27 -9.94 3.01 4.75
C ARG A 27 -9.08 4.20 5.17
N ASN A 28 -9.40 5.38 4.63
CA ASN A 28 -8.65 6.58 4.95
C ASN A 28 -9.43 7.47 5.93
N GLU A 29 -8.91 8.66 6.20
CA GLU A 29 -9.55 9.58 7.11
C GLU A 29 -10.89 10.06 6.56
N ASN A 30 -11.00 10.11 5.25
CA ASN A 30 -12.23 10.55 4.59
C ASN A 30 -13.28 9.45 4.62
N GLY A 31 -12.83 8.19 4.63
CA GLY A 31 -13.76 7.07 4.66
C GLY A 31 -13.86 6.35 3.33
N HIS A 32 -13.09 6.78 2.32
CA HIS A 32 -13.11 6.14 1.01
C HIS A 32 -12.12 4.98 0.97
N THR A 33 -12.35 4.04 0.05
CA THR A 33 -11.48 2.88 -0.08
C THR A 33 -10.11 3.29 -0.60
N VAL A 34 -9.07 2.75 0.02
CA VAL A 34 -7.70 3.04 -0.37
C VAL A 34 -6.85 1.77 -0.37
N TYR A 35 -5.61 1.91 -0.80
CA TYR A 35 -4.69 0.77 -0.84
C TYR A 35 -3.41 1.09 -0.09
N TYR A 36 -3.05 0.25 0.88
CA TYR A 36 -1.86 0.46 1.67
C TYR A 36 -0.96 -0.77 1.68
N CYS A 37 0.28 -0.59 2.13
CA CYS A 37 1.25 -1.67 2.18
C CYS A 37 1.37 -2.24 3.60
N ARG A 38 1.35 -3.57 3.70
CA ARG A 38 1.44 -4.23 4.99
C ARG A 38 2.50 -5.33 4.96
N ALA A 39 3.39 -5.30 5.93
CA ALA A 39 4.46 -6.30 6.03
C ALA A 39 3.90 -7.65 6.45
#